data_4XO5
#
_entry.id   4XO5
#
_cell.length_a   120.482
_cell.length_b   120.482
_cell.length_c   170.424
_cell.angle_alpha   90.00
_cell.angle_beta   90.00
_cell.angle_gamma   120.00
#
_symmetry.space_group_name_H-M   'P 31 2 1'
#
loop_
_entity.id
_entity.type
_entity.pdbx_description
1 polymer 'Aminopeptidase N'
2 non-polymer 'ZINC ION'
3 non-polymer 'GLUTAMIC ACID'
4 non-polymer 'SODIUM ION'
5 non-polymer GLYCEROL
6 non-polymer 'MALONATE ION'
7 water water
#
_entity_poly.entity_id   1
_entity_poly.type   'polypeptide(L)'
_entity_poly.pdbx_seq_one_letter_code
;PQAKYRHDYRAPDYQITDIDLTFDLDAQKTVVTAVSQAVRHGASDAPLRLNGEDLKLVSVHINDEPWTAWKEEEGALVIS
NLPERFTLKIINEISPAANTALEGLYQSGDALCTQCEAEGFRHITYYLDRPDVLARFTTKIIADKIKYPFLLSNGNRVAQ
GELENGRHWVQWQDPFPKPCYLFALVAGDFDVLRDTFTTRSGREVALELYVDRGNLDRAPWAMTSLKNSMKWDEERFGLE
YDLDIYMIVAVDFFNMGAMENKGLNIFNSKYVLARTDTATDKDYLDIERVIGHEYFHNWTGNRVTCRDWFQLSLKEGLTV
FRDQEFSSDLGSRAVNRINNVRTMRGLQFAEDASPMAHPIRPDMVIEMNNFYTLTVYEKGAEVIRMIHTLLGEENFQKGM
QLYFERHDGSAATCDDFVQAMEDASNVDLSHFRRWYSQSGTPIVTVKDDYNPETEQYTLTISQRTPATPDQAEKQPLHIP
FAIELYDNEGKVIPLQKGGHPVNSVLNVTQAEQTFVFDNVYFQPVPALLCEFSAPVKLEYKWSDQQLTFLMRHARNDFSR
WDAAQSLLATYIKLNVARHQQGQPLSLPVHVADAFRAVLLDEKIDPALAAEILTLPSVNEMAELFDIIDPIAIAEVREAL
TRTLATELADELLAIYNANYQSEYRVEHEDIAKRTLRNACLRFLAFGETHLADVLVSKQFHEANNMTDALAALSAAVAAQ
LPCRDALMQEYDDKWHQNGLVMDKWFILQATSPAANVLETVRGLLQHRSFTMSNPNRIRSLIGAFAGSNPAAFHAEDGSG
YLFLVEMLTDLNSRNPQVASRLIEPLIRLKRYDAKRQEKMRAALEQLKGLENLSGDLYEKITKALA
;
_entity_poly.pdbx_strand_id   A
#
loop_
_chem_comp.id
_chem_comp.type
_chem_comp.name
_chem_comp.formula
GOL non-polymer GLYCEROL 'C3 H8 O3'
MLI non-polymer 'MALONATE ION' 'C3 H2 O4 -2'
NA non-polymer 'SODIUM ION' 'Na 1'
ZN non-polymer 'ZINC ION' 'Zn 2'
#
# COMPACT_ATOMS: atom_id res chain seq x y z
N PRO A 1 18.75 -12.31 16.49
CA PRO A 1 18.98 -11.99 15.07
C PRO A 1 19.57 -10.58 14.92
N GLN A 2 20.37 -10.42 13.89
CA GLN A 2 21.34 -9.36 13.79
C GLN A 2 20.84 -8.29 12.78
N ALA A 3 20.99 -7.03 13.12
CA ALA A 3 20.65 -5.95 12.20
C ALA A 3 21.67 -5.80 11.12
N LYS A 4 21.21 -5.42 9.93
CA LYS A 4 22.04 -4.99 8.85
C LYS A 4 21.91 -3.46 8.64
N TYR A 5 22.98 -2.84 8.20
CA TYR A 5 23.07 -1.40 8.08
C TYR A 5 23.40 -0.92 6.72
N ARG A 6 22.70 0.14 6.31
CA ARG A 6 22.88 0.69 4.97
C ARG A 6 24.31 1.15 4.66
N HIS A 7 24.95 1.76 5.65
CA HIS A 7 26.34 2.23 5.49
C HIS A 7 27.32 1.08 5.35
N ASP A 8 26.92 -0.16 5.68
CA ASP A 8 27.80 -1.32 5.44
C ASP A 8 27.77 -1.87 4.07
N TYR A 9 27.00 -1.27 3.15
CA TYR A 9 26.97 -1.82 1.80
C TYR A 9 28.37 -1.91 1.18
N ARG A 10 28.69 -3.01 0.49
CA ARG A 10 29.90 -3.16 -0.31
C ARG A 10 29.55 -4.02 -1.53
N ALA A 11 30.19 -3.73 -2.63
CA ALA A 11 30.03 -4.48 -3.85
C ALA A 11 30.37 -5.95 -3.59
N PRO A 12 29.68 -6.86 -4.27
CA PRO A 12 29.92 -8.28 -4.03
C PRO A 12 31.35 -8.75 -4.48
N ASP A 13 31.92 -9.68 -3.73
CA ASP A 13 33.21 -10.33 -4.07
C ASP A 13 33.07 -11.17 -5.33
N TYR A 14 31.88 -11.69 -5.62
CA TYR A 14 31.59 -12.52 -6.77
C TYR A 14 30.33 -12.07 -7.45
N GLN A 15 30.32 -12.15 -8.76
CA GLN A 15 29.11 -11.98 -9.56
C GLN A 15 28.75 -13.29 -10.19
N ILE A 16 27.46 -13.40 -10.50
CA ILE A 16 26.90 -14.50 -11.32
C ILE A 16 26.34 -13.84 -12.56
N THR A 17 26.65 -14.34 -13.75
CA THR A 17 26.22 -13.78 -14.99
C THR A 17 25.06 -14.52 -15.64
N ASP A 18 24.97 -15.83 -15.40
CA ASP A 18 24.01 -16.71 -16.07
C ASP A 18 23.72 -17.83 -15.11
N ILE A 19 22.47 -18.22 -15.00
CA ILE A 19 22.08 -19.33 -14.16
C ILE A 19 21.06 -20.16 -14.96
N ASP A 20 21.29 -21.46 -14.96
CA ASP A 20 20.43 -22.46 -15.58
C ASP A 20 19.87 -23.36 -14.48
N LEU A 21 18.57 -23.30 -14.29
CA LEU A 21 17.86 -23.98 -13.22
C LEU A 21 17.08 -25.14 -13.82
N THR A 22 17.07 -26.27 -13.14
CA THR A 22 16.14 -27.32 -13.42
C THR A 22 15.36 -27.69 -12.15
N PHE A 23 14.05 -27.80 -12.25
CA PHE A 23 13.23 -28.21 -11.19
C PHE A 23 12.59 -29.52 -11.51
N ASP A 24 12.85 -30.53 -10.69
CA ASP A 24 12.11 -31.77 -10.71
C ASP A 24 11.03 -31.63 -9.63
N LEU A 25 9.87 -31.21 -10.09
CA LEU A 25 8.88 -30.70 -9.19
C LEU A 25 7.99 -31.73 -8.64
N ASP A 26 7.77 -31.63 -7.34
CA ASP A 26 6.81 -32.46 -6.63
C ASP A 26 6.52 -31.75 -5.31
N ALA A 27 5.26 -31.81 -4.90
CA ALA A 27 4.88 -31.05 -3.71
C ALA A 27 5.60 -31.45 -2.44
N GLN A 28 5.82 -32.75 -2.25
CA GLN A 28 6.56 -33.20 -1.09
C GLN A 28 8.04 -33.05 -1.18
N LYS A 29 8.61 -33.28 -2.35
CA LYS A 29 10.04 -33.12 -2.51
C LYS A 29 10.42 -32.69 -3.91
N THR A 30 10.94 -31.48 -4.03
CA THR A 30 11.40 -30.93 -5.26
C THR A 30 12.90 -30.93 -5.26
N VAL A 31 13.49 -31.33 -6.36
CA VAL A 31 14.92 -31.36 -6.52
C VAL A 31 15.30 -30.24 -7.49
N VAL A 32 16.18 -29.37 -7.05
CA VAL A 32 16.63 -28.23 -7.80
C VAL A 32 18.05 -28.44 -8.20
N THR A 33 18.34 -28.29 -9.47
CA THR A 33 19.72 -28.26 -10.02
C THR A 33 19.97 -26.89 -10.56
N ALA A 34 21.01 -26.23 -10.07
CA ALA A 34 21.35 -24.88 -10.45
C ALA A 34 22.80 -24.80 -10.91
N VAL A 35 22.97 -24.36 -12.16
CA VAL A 35 24.26 -24.26 -12.76
C VAL A 35 24.51 -22.78 -13.03
N SER A 36 25.41 -22.18 -12.29
CA SER A 36 25.66 -20.77 -12.35
C SER A 36 27.05 -20.48 -12.94
N GLN A 37 27.15 -19.46 -13.79
CA GLN A 37 28.44 -19.00 -14.27
C GLN A 37 28.88 -17.80 -13.44
N ALA A 38 29.98 -17.94 -12.75
CA ALA A 38 30.44 -16.98 -11.79
C ALA A 38 31.77 -16.35 -12.14
N VAL A 39 31.97 -15.17 -11.59
CA VAL A 39 33.19 -14.37 -11.81
C VAL A 39 33.54 -13.72 -10.51
N ARG A 40 34.79 -13.90 -10.08
CA ARG A 40 35.34 -13.24 -8.90
C ARG A 40 35.75 -11.81 -9.22
N HIS A 41 35.30 -10.86 -8.41
CA HIS A 41 35.66 -9.44 -8.47
CA HIS A 41 35.76 -9.48 -8.51
C HIS A 41 36.56 -9.05 -7.29
N GLY A 42 36.36 -9.68 -6.12
CA GLY A 42 37.15 -9.38 -4.96
C GLY A 42 38.51 -10.07 -4.91
N ALA A 43 39.04 -10.18 -3.70
CA ALA A 43 40.39 -10.72 -3.50
C ALA A 43 40.40 -12.21 -3.77
N SER A 44 41.60 -12.70 -4.14
N SER A 44 41.55 -12.69 -4.26
CA SER A 44 41.82 -14.07 -4.64
CA SER A 44 41.69 -14.05 -4.70
C SER A 44 41.44 -15.03 -3.58
C SER A 44 41.41 -15.03 -3.58
N ASP A 45 41.63 -14.63 -2.34
CA ASP A 45 41.35 -15.47 -1.20
C ASP A 45 39.97 -15.29 -0.54
N ALA A 46 39.09 -14.49 -1.12
CA ALA A 46 37.68 -14.29 -0.65
CA ALA A 46 37.77 -14.37 -0.48
C ALA A 46 36.88 -15.56 -0.97
N PRO A 47 36.20 -16.17 -0.03
CA PRO A 47 35.36 -17.33 -0.41
C PRO A 47 34.06 -16.83 -1.02
N LEU A 48 33.34 -17.68 -1.73
CA LEU A 48 32.06 -17.30 -2.21
C LEU A 48 31.07 -17.63 -1.10
N ARG A 49 30.27 -16.67 -0.69
CA ARG A 49 29.27 -16.90 0.37
C ARG A 49 27.91 -16.90 -0.19
N LEU A 50 27.26 -18.06 -0.25
CA LEU A 50 25.95 -18.16 -0.81
C LEU A 50 24.90 -18.15 0.27
N ASN A 51 23.77 -17.49 0.09
CA ASN A 51 22.68 -17.56 1.05
C ASN A 51 21.85 -18.78 0.80
N GLY A 52 21.34 -19.37 1.86
CA GLY A 52 20.42 -20.52 1.70
C GLY A 52 19.67 -20.76 2.98
N GLU A 53 18.38 -21.03 2.92
CA GLU A 53 17.55 -21.30 4.10
C GLU A 53 16.72 -22.53 3.87
N ASP A 54 16.75 -23.45 4.84
CA ASP A 54 16.00 -24.71 4.82
C ASP A 54 16.18 -25.54 3.53
N LEU A 55 17.41 -25.68 3.07
CA LEU A 55 17.71 -26.45 1.88
C LEU A 55 18.34 -27.76 2.32
N LYS A 56 18.11 -28.84 1.58
CA LYS A 56 18.91 -30.06 1.77
C LYS A 56 19.92 -30.16 0.67
N LEU A 57 21.19 -29.94 1.01
CA LEU A 57 22.27 -29.96 0.03
C LEU A 57 22.59 -31.40 -0.41
N VAL A 58 22.59 -31.62 -1.69
CA VAL A 58 22.90 -32.92 -2.25
C VAL A 58 24.32 -32.95 -2.80
N SER A 59 24.73 -31.94 -3.57
CA SER A 59 26.06 -31.93 -4.06
C SER A 59 26.50 -30.52 -4.55
N VAL A 60 27.82 -30.34 -4.57
CA VAL A 60 28.46 -29.10 -4.99
C VAL A 60 29.57 -29.45 -5.93
N HIS A 61 29.51 -28.96 -7.16
CA HIS A 61 30.61 -29.11 -8.13
C HIS A 61 31.10 -27.77 -8.65
N ILE A 62 32.38 -27.67 -8.96
CA ILE A 62 33.00 -26.50 -9.54
C ILE A 62 33.70 -26.94 -10.77
N ASN A 63 33.31 -26.42 -11.92
CA ASN A 63 33.72 -26.93 -13.24
C ASN A 63 33.61 -28.43 -13.37
N ASP A 64 32.51 -28.99 -12.91
CA ASP A 64 32.30 -30.46 -12.88
C ASP A 64 33.14 -31.24 -11.91
N GLU A 65 33.93 -30.62 -11.05
CA GLU A 65 34.68 -31.33 -10.02
C GLU A 65 33.91 -31.32 -8.71
N PRO A 66 33.66 -32.51 -8.09
CA PRO A 66 33.00 -32.50 -6.80
C PRO A 66 33.90 -31.74 -5.84
N TRP A 67 33.34 -30.76 -5.11
CA TRP A 67 34.17 -29.81 -4.46
C TRP A 67 34.35 -30.20 -3.01
N THR A 68 35.56 -30.07 -2.44
CA THR A 68 35.73 -30.41 -1.02
C THR A 68 35.92 -29.23 -0.14
N ALA A 69 36.26 -28.09 -0.72
CA ALA A 69 36.56 -26.91 0.06
C ALA A 69 35.32 -26.04 0.27
N TRP A 70 34.41 -26.51 1.10
CA TRP A 70 33.20 -25.73 1.44
C TRP A 70 32.73 -26.09 2.82
N LYS A 71 31.86 -25.26 3.36
CA LYS A 71 31.16 -25.62 4.57
C LYS A 71 29.82 -24.94 4.62
N GLU A 72 28.89 -25.55 5.37
CA GLU A 72 27.61 -24.95 5.64
C GLU A 72 27.69 -24.26 6.97
N GLU A 73 27.14 -23.07 7.07
CA GLU A 73 26.97 -22.33 8.35
C GLU A 73 25.54 -21.85 8.34
N GLU A 74 25.11 -21.24 9.44
CA GLU A 74 23.76 -20.77 9.58
C GLU A 74 23.42 -19.85 8.40
N GLY A 75 22.44 -20.23 7.63
CA GLY A 75 21.98 -19.39 6.52
C GLY A 75 22.91 -19.35 5.31
N ALA A 76 23.95 -20.20 5.25
CA ALA A 76 24.99 -19.99 4.20
C ALA A 76 25.77 -21.25 3.79
N LEU A 77 26.24 -21.23 2.56
CA LEU A 77 27.16 -22.18 2.03
C LEU A 77 28.36 -21.36 1.64
N VAL A 78 29.50 -21.69 2.21
CA VAL A 78 30.73 -20.93 2.04
C VAL A 78 31.73 -21.77 1.28
N ILE A 79 32.12 -21.32 0.09
CA ILE A 79 32.89 -22.14 -0.87
C ILE A 79 34.22 -21.44 -1.07
N SER A 80 35.29 -22.12 -0.68
CA SER A 80 36.65 -21.57 -0.71
C SER A 80 37.48 -22.03 -1.88
N ASN A 81 38.60 -21.35 -2.09
CA ASN A 81 39.67 -21.74 -3.02
C ASN A 81 39.28 -21.84 -4.49
N LEU A 82 38.60 -20.83 -4.99
CA LEU A 82 37.99 -20.90 -6.26
C LEU A 82 38.86 -20.25 -7.32
N PRO A 83 38.74 -20.70 -8.54
CA PRO A 83 39.30 -19.91 -9.63
C PRO A 83 38.56 -18.60 -9.84
N GLU A 84 39.11 -17.76 -10.68
CA GLU A 84 38.55 -16.44 -10.97
C GLU A 84 37.21 -16.50 -11.74
N ARG A 85 37.05 -17.49 -12.62
CA ARG A 85 35.83 -17.74 -13.41
C ARG A 85 35.53 -19.21 -13.36
N PHE A 86 34.28 -19.58 -13.15
CA PHE A 86 33.98 -21.01 -13.01
C PHE A 86 32.52 -21.24 -13.11
N THR A 87 32.16 -22.47 -13.42
CA THR A 87 30.80 -22.98 -13.36
C THR A 87 30.53 -23.63 -11.99
N LEU A 88 29.54 -23.13 -11.26
CA LEU A 88 29.08 -23.71 -10.03
C LEU A 88 27.88 -24.54 -10.27
N LYS A 89 27.85 -25.78 -9.85
CA LYS A 89 26.63 -26.60 -9.90
C LYS A 89 26.23 -27.03 -8.50
N ILE A 90 24.98 -26.71 -8.12
CA ILE A 90 24.43 -27.10 -6.83
C ILE A 90 23.22 -27.93 -7.08
N ILE A 91 23.08 -29.05 -6.37
CA ILE A 91 21.87 -29.78 -6.32
C ILE A 91 21.37 -29.75 -4.88
N ASN A 92 20.10 -29.43 -4.70
CA ASN A 92 19.45 -29.40 -3.38
C ASN A 92 18.01 -29.77 -3.44
N GLU A 93 17.46 -30.12 -2.28
CA GLU A 93 16.04 -30.48 -2.20
C GLU A 93 15.31 -29.50 -1.30
N ILE A 94 14.05 -29.31 -1.62
CA ILE A 94 13.16 -28.46 -0.83
C ILE A 94 11.80 -29.13 -0.76
N SER A 95 10.91 -28.61 0.05
CA SER A 95 9.62 -29.25 0.29
C SER A 95 8.47 -28.25 0.26
N PRO A 96 7.88 -28.06 -0.91
CA PRO A 96 6.83 -27.06 -1.04
C PRO A 96 5.64 -27.19 -0.17
N ALA A 97 5.20 -28.40 0.04
CA ALA A 97 4.03 -28.68 0.88
C ALA A 97 4.26 -28.34 2.32
N ALA A 98 5.49 -28.35 2.84
CA ALA A 98 5.72 -27.95 4.21
C ALA A 98 5.86 -26.43 4.35
N ASN A 99 5.83 -25.67 3.25
CA ASN A 99 6.07 -24.25 3.28
C ASN A 99 4.80 -23.45 3.65
N THR A 100 4.56 -23.26 4.96
CA THR A 100 3.40 -22.55 5.42
C THR A 100 3.67 -21.05 5.44
N ALA A 101 4.95 -20.63 5.35
CA ALA A 101 5.28 -19.22 5.40
C ALA A 101 5.05 -18.51 4.07
N LEU A 102 4.92 -19.26 3.01
CA LEU A 102 4.58 -18.75 1.67
C LEU A 102 5.67 -17.83 1.14
N GLU A 103 6.90 -18.25 1.34
CA GLU A 103 8.10 -17.61 0.92
C GLU A 103 9.00 -18.63 0.25
N GLY A 104 9.48 -18.37 -0.96
CA GLY A 104 10.15 -19.39 -1.75
C GLY A 104 9.13 -20.14 -2.62
N LEU A 105 9.29 -21.44 -2.77
CA LEU A 105 8.38 -22.29 -3.52
C LEU A 105 7.41 -22.95 -2.60
N TYR A 106 6.13 -22.71 -2.84
CA TYR A 106 5.08 -23.20 -1.96
C TYR A 106 3.84 -23.63 -2.72
N GLN A 107 2.92 -24.22 -2.00
CA GLN A 107 1.69 -24.67 -2.62
C GLN A 107 0.52 -23.69 -2.35
N SER A 108 -0.27 -23.35 -3.37
CA SER A 108 -1.47 -22.50 -3.25
C SER A 108 -2.59 -23.33 -3.81
N GLY A 109 -3.31 -23.97 -2.89
CA GLY A 109 -4.35 -24.99 -3.28
C GLY A 109 -3.65 -26.18 -3.92
N ASP A 110 -3.98 -26.48 -5.16
CA ASP A 110 -3.29 -27.57 -5.89
C ASP A 110 -2.15 -27.04 -6.78
N ALA A 111 -1.98 -25.72 -6.87
CA ALA A 111 -0.85 -25.15 -7.65
C ALA A 111 0.43 -25.06 -6.84
N LEU A 112 1.55 -25.03 -7.53
CA LEU A 112 2.81 -24.63 -6.95
C LEU A 112 3.19 -23.27 -7.53
N CYS A 113 3.66 -22.38 -6.67
CA CYS A 113 4.07 -21.04 -7.08
C CYS A 113 5.15 -20.51 -6.16
N THR A 114 5.76 -19.42 -6.60
CA THR A 114 6.87 -18.85 -5.89
C THR A 114 6.57 -17.42 -5.37
N GLN A 115 7.24 -17.03 -4.29
CA GLN A 115 7.39 -15.61 -3.93
C GLN A 115 8.83 -15.43 -3.45
N CYS A 116 9.61 -14.65 -4.20
CA CYS A 116 11.02 -14.48 -3.94
C CYS A 116 11.41 -13.12 -3.36
N GLU A 117 10.58 -12.10 -3.52
CA GLU A 117 10.93 -10.81 -2.91
C GLU A 117 10.58 -10.87 -1.41
N ALA A 118 11.44 -10.35 -0.52
CA ALA A 118 12.77 -9.78 -0.83
C ALA A 118 13.85 -10.86 -0.93
N GLU A 119 13.85 -11.80 0.00
CA GLU A 119 14.93 -12.80 0.16
C GLU A 119 14.42 -14.21 0.16
N GLY A 120 13.55 -14.52 -0.77
CA GLY A 120 12.91 -15.81 -0.79
C GLY A 120 13.59 -16.80 -1.73
N PHE A 121 14.38 -16.34 -2.67
CA PHE A 121 15.03 -17.24 -3.64
C PHE A 121 16.04 -18.17 -2.91
N ARG A 122 16.65 -17.66 -1.84
CA ARG A 122 17.53 -18.48 -1.00
C ARG A 122 16.78 -19.65 -0.30
N HIS A 123 15.46 -19.62 -0.28
CA HIS A 123 14.69 -20.79 0.12
C HIS A 123 14.47 -21.83 -1.00
N ILE A 124 14.97 -21.55 -2.19
CA ILE A 124 14.87 -22.44 -3.31
C ILE A 124 16.23 -23.07 -3.64
N THR A 125 17.29 -22.29 -3.64
CA THR A 125 18.64 -22.84 -3.86
C THR A 125 19.66 -21.89 -3.20
N TYR A 126 20.88 -22.36 -3.04
CA TYR A 126 22.00 -21.55 -2.54
C TYR A 126 22.39 -20.49 -3.62
N TYR A 127 22.37 -19.20 -3.30
CA TYR A 127 22.56 -18.19 -4.31
C TYR A 127 23.10 -16.91 -3.73
N LEU A 128 23.51 -15.98 -4.60
CA LEU A 128 23.85 -14.62 -4.18
C LEU A 128 22.53 -13.84 -4.14
N ASP A 129 21.82 -13.99 -3.03
CA ASP A 129 20.46 -13.52 -2.96
C ASP A 129 20.42 -12.06 -2.52
N ARG A 130 20.86 -11.22 -3.43
CA ARG A 130 21.01 -9.80 -3.23
C ARG A 130 20.78 -9.12 -4.58
N PRO A 131 20.12 -7.94 -4.61
CA PRO A 131 19.60 -7.51 -5.87
C PRO A 131 20.57 -6.77 -6.79
N ASP A 132 21.78 -6.56 -6.33
CA ASP A 132 22.83 -6.05 -7.19
C ASP A 132 23.58 -7.15 -8.00
N VAL A 133 23.22 -8.42 -7.83
CA VAL A 133 23.68 -9.52 -8.65
C VAL A 133 22.58 -9.83 -9.68
N LEU A 134 22.79 -9.44 -10.94
CA LEU A 134 21.87 -9.66 -11.99
C LEU A 134 22.40 -10.74 -12.92
N ALA A 135 21.55 -11.68 -13.31
CA ALA A 135 22.00 -12.80 -14.14
C ALA A 135 20.90 -13.14 -15.19
N ARG A 136 21.30 -13.77 -16.27
CA ARG A 136 20.35 -14.27 -17.29
C ARG A 136 19.93 -15.65 -16.86
N PHE A 137 18.62 -15.85 -16.73
CA PHE A 137 18.04 -17.09 -16.29
C PHE A 137 17.53 -17.95 -17.46
N THR A 138 17.72 -19.29 -17.33
CA THR A 138 17.06 -20.28 -18.11
C THR A 138 16.47 -21.22 -17.10
N THR A 139 15.20 -21.64 -17.24
CA THR A 139 14.52 -22.43 -16.28
C THR A 139 13.78 -23.59 -16.87
N LYS A 140 14.19 -24.82 -16.51
CA LYS A 140 13.56 -26.01 -16.97
C LYS A 140 12.76 -26.57 -15.82
N ILE A 141 11.53 -26.93 -16.13
CA ILE A 141 10.57 -27.47 -15.14
C ILE A 141 10.08 -28.82 -15.62
N ILE A 142 10.19 -29.83 -14.74
CA ILE A 142 9.77 -31.19 -15.01
C ILE A 142 8.72 -31.57 -14.00
N ALA A 143 7.56 -32.04 -14.46
CA ALA A 143 6.48 -32.35 -13.56
C ALA A 143 5.48 -33.35 -14.13
N ASP A 144 4.65 -33.84 -13.24
CA ASP A 144 3.47 -34.64 -13.61
C ASP A 144 2.54 -33.86 -14.48
N LYS A 145 2.24 -34.45 -15.65
CA LYS A 145 1.44 -33.78 -16.67
C LYS A 145 -0.01 -33.59 -16.27
N ILE A 146 -0.57 -34.55 -15.54
CA ILE A 146 -2.01 -34.44 -15.16
C ILE A 146 -2.18 -33.42 -14.06
N LYS A 147 -1.30 -33.47 -13.07
CA LYS A 147 -1.42 -32.48 -12.02
C LYS A 147 -0.97 -31.08 -12.43
N TYR A 148 0.09 -31.00 -13.24
CA TYR A 148 0.66 -29.69 -13.61
C TYR A 148 0.77 -29.52 -15.12
N PRO A 149 -0.35 -29.39 -15.78
CA PRO A 149 -0.29 -29.25 -17.20
C PRO A 149 0.33 -27.93 -17.69
N PHE A 150 0.28 -26.86 -16.86
CA PHE A 150 0.93 -25.62 -17.19
C PHE A 150 2.14 -25.48 -16.30
N LEU A 151 3.29 -25.24 -16.92
CA LEU A 151 4.57 -25.06 -16.29
C LEU A 151 5.16 -23.73 -16.82
N LEU A 152 5.15 -22.72 -15.96
CA LEU A 152 5.46 -21.37 -16.35
C LEU A 152 6.68 -20.84 -15.60
N SER A 153 7.51 -20.11 -16.30
CA SER A 153 8.54 -19.27 -15.64
C SER A 153 8.72 -18.01 -16.50
N ASN A 154 9.67 -17.15 -16.14
CA ASN A 154 9.88 -15.86 -16.75
C ASN A 154 10.28 -16.05 -18.22
N GLY A 155 9.78 -15.19 -19.09
CA GLY A 155 10.27 -15.05 -20.47
C GLY A 155 9.47 -15.81 -21.51
N ASN A 156 10.17 -16.54 -22.39
CA ASN A 156 9.56 -17.28 -23.47
C ASN A 156 9.91 -18.76 -23.37
N ARG A 157 9.07 -19.59 -23.90
CA ARG A 157 9.36 -21.03 -24.04
C ARG A 157 10.35 -21.32 -25.10
N VAL A 158 11.42 -21.96 -24.77
CA VAL A 158 12.45 -22.30 -25.73
C VAL A 158 12.58 -23.84 -26.01
N ALA A 159 11.98 -24.67 -25.16
CA ALA A 159 12.07 -26.13 -25.30
C ALA A 159 10.97 -26.74 -24.53
N GLN A 160 10.59 -27.92 -24.95
CA GLN A 160 9.47 -28.63 -24.40
C GLN A 160 9.70 -30.12 -24.69
N GLY A 161 9.27 -31.01 -23.80
CA GLY A 161 9.31 -32.44 -24.08
C GLY A 161 8.40 -33.22 -23.18
N GLU A 162 8.20 -34.49 -23.54
CA GLU A 162 7.39 -35.48 -22.78
C GLU A 162 8.36 -36.55 -22.31
N LEU A 163 8.10 -37.11 -21.14
CA LEU A 163 8.94 -38.13 -20.59
C LEU A 163 8.05 -39.35 -20.26
N GLU A 164 8.72 -40.42 -19.90
CA GLU A 164 7.96 -41.57 -19.43
C GLU A 164 7.38 -41.29 -18.00
N ASN A 165 6.41 -42.12 -17.68
CA ASN A 165 5.73 -42.10 -16.41
C ASN A 165 4.90 -40.87 -16.26
N GLY A 166 4.38 -40.35 -17.36
CA GLY A 166 3.38 -39.29 -17.27
C GLY A 166 3.93 -37.92 -16.89
N ARG A 167 5.23 -37.72 -17.03
CA ARG A 167 5.86 -36.42 -16.79
C ARG A 167 6.09 -35.68 -18.10
N HIS A 168 6.16 -34.36 -17.96
CA HIS A 168 6.55 -33.51 -19.06
C HIS A 168 7.42 -32.36 -18.59
N TRP A 169 7.98 -31.61 -19.53
CA TRP A 169 8.87 -30.49 -19.17
C TRP A 169 8.79 -29.37 -20.15
N VAL A 170 9.11 -28.19 -19.66
CA VAL A 170 9.12 -26.98 -20.49
C VAL A 170 10.37 -26.21 -20.00
N GLN A 171 11.09 -25.58 -20.90
CA GLN A 171 12.20 -24.72 -20.53
C GLN A 171 11.89 -23.30 -21.02
N TRP A 172 12.23 -22.33 -20.19
CA TRP A 172 11.96 -20.92 -20.40
C TRP A 172 13.31 -20.17 -20.39
N GLN A 173 13.35 -19.07 -21.14
CA GLN A 173 14.46 -18.19 -21.09
C GLN A 173 14.00 -16.76 -21.08
N ASP A 174 14.67 -15.92 -20.29
CA ASP A 174 14.35 -14.49 -20.25
C ASP A 174 15.64 -13.77 -20.64
N PRO A 175 15.64 -12.97 -21.70
CA PRO A 175 16.93 -12.39 -22.10
C PRO A 175 17.43 -11.25 -21.21
N PHE A 176 16.59 -10.70 -20.34
CA PHE A 176 17.04 -9.54 -19.52
C PHE A 176 17.68 -10.06 -18.25
N PRO A 177 18.91 -9.66 -17.95
CA PRO A 177 19.45 -10.02 -16.63
C PRO A 177 18.57 -9.50 -15.48
N LYS A 178 18.44 -10.32 -14.44
CA LYS A 178 17.61 -9.95 -13.32
C LYS A 178 18.23 -10.36 -12.02
N PRO A 179 17.88 -9.64 -10.96
CA PRO A 179 18.13 -10.14 -9.60
C PRO A 179 17.17 -11.29 -9.32
N CYS A 180 17.58 -12.22 -8.47
CA CYS A 180 16.80 -13.35 -8.20
C CYS A 180 15.46 -13.08 -7.55
N TYR A 181 15.24 -11.90 -6.92
CA TYR A 181 13.89 -11.63 -6.34
C TYR A 181 12.79 -11.58 -7.40
N LEU A 182 13.17 -11.42 -8.66
CA LEU A 182 12.27 -11.34 -9.78
C LEU A 182 12.05 -12.68 -10.46
N PHE A 183 12.70 -13.74 -10.00
CA PHE A 183 12.41 -15.10 -10.48
C PHE A 183 10.98 -15.53 -10.11
N ALA A 184 10.32 -16.25 -11.01
CA ALA A 184 9.06 -16.89 -10.67
C ALA A 184 8.91 -18.23 -11.37
N LEU A 185 8.12 -19.09 -10.72
CA LEU A 185 7.74 -20.37 -11.26
C LEU A 185 6.32 -20.63 -10.81
N VAL A 186 5.52 -21.16 -11.74
CA VAL A 186 4.13 -21.57 -11.43
C VAL A 186 3.91 -22.89 -12.13
N ALA A 187 3.26 -23.80 -11.41
CA ALA A 187 2.90 -25.10 -12.00
C ALA A 187 1.49 -25.42 -11.53
N GLY A 188 0.60 -25.77 -12.45
CA GLY A 188 -0.79 -26.09 -12.03
C GLY A 188 -1.70 -26.27 -13.21
N ASP A 189 -2.97 -26.32 -12.90
CA ASP A 189 -4.05 -26.50 -13.89
C ASP A 189 -4.91 -25.24 -13.77
N PHE A 190 -5.09 -24.54 -14.86
CA PHE A 190 -5.71 -23.22 -14.83
C PHE A 190 -6.68 -23.11 -16.03
N ASP A 191 -7.70 -22.25 -15.92
CA ASP A 191 -8.30 -21.62 -17.05
C ASP A 191 -7.43 -20.41 -17.41
N VAL A 192 -7.42 -20.05 -18.69
CA VAL A 192 -6.52 -19.02 -19.20
C VAL A 192 -7.33 -18.08 -20.10
N LEU A 193 -7.28 -16.77 -19.78
CA LEU A 193 -7.91 -15.75 -20.61
C LEU A 193 -6.75 -15.19 -21.46
N ARG A 194 -6.92 -15.22 -22.77
CA ARG A 194 -5.84 -14.80 -23.70
C ARG A 194 -6.28 -13.62 -24.51
N ASP A 195 -5.39 -12.63 -24.64
CA ASP A 195 -5.70 -11.45 -25.41
C ASP A 195 -4.39 -10.95 -25.97
N THR A 196 -4.38 -9.79 -26.63
CA THR A 196 -3.14 -9.26 -27.21
CA THR A 196 -3.20 -9.27 -27.31
C THR A 196 -3.14 -7.76 -27.05
N PHE A 197 -1.95 -7.16 -26.97
CA PHE A 197 -1.83 -5.73 -26.97
C PHE A 197 -0.76 -5.44 -28.03
N THR A 198 -0.96 -4.44 -28.86
CA THR A 198 0.08 -4.02 -29.80
C THR A 198 0.62 -2.70 -29.34
N THR A 199 1.91 -2.67 -29.08
CA THR A 199 2.54 -1.43 -28.58
C THR A 199 2.55 -0.31 -29.64
N ARG A 200 2.81 0.91 -29.21
CA ARG A 200 2.75 2.03 -30.12
C ARG A 200 3.71 1.82 -31.35
N SER A 201 4.87 1.23 -31.14
CA SER A 201 5.85 0.96 -32.24
C SER A 201 5.55 -0.34 -33.01
N GLY A 202 4.48 -1.05 -32.68
CA GLY A 202 3.97 -2.23 -33.40
C GLY A 202 4.39 -3.56 -32.80
N ARG A 203 4.95 -3.62 -31.60
CA ARG A 203 5.30 -4.92 -31.02
C ARG A 203 4.00 -5.59 -30.53
N GLU A 204 3.76 -6.81 -31.00
CA GLU A 204 2.58 -7.54 -30.57
C GLU A 204 2.89 -8.37 -29.31
N VAL A 205 2.10 -8.18 -28.29
CA VAL A 205 2.35 -8.82 -27.00
C VAL A 205 1.20 -9.76 -26.70
N ALA A 206 1.50 -11.03 -26.43
CA ALA A 206 0.45 -11.97 -26.04
C ALA A 206 0.19 -11.75 -24.52
N LEU A 207 -1.06 -11.56 -24.15
CA LEU A 207 -1.45 -11.39 -22.72
C LEU A 207 -2.16 -12.64 -22.28
N GLU A 208 -1.73 -13.21 -21.15
CA GLU A 208 -2.27 -14.43 -20.64
C GLU A 208 -2.53 -14.34 -19.16
N LEU A 209 -3.77 -14.49 -18.80
CA LEU A 209 -4.21 -14.43 -17.39
C LEU A 209 -4.70 -15.82 -16.95
N TYR A 210 -3.99 -16.43 -16.00
CA TYR A 210 -4.23 -17.75 -15.49
C TYR A 210 -4.97 -17.64 -14.19
N VAL A 211 -6.10 -18.32 -14.13
CA VAL A 211 -6.98 -18.36 -12.95
C VAL A 211 -7.43 -19.78 -12.68
N ASP A 212 -7.89 -20.02 -11.45
CA ASP A 212 -8.32 -21.35 -11.11
C ASP A 212 -9.49 -21.71 -12.00
N ARG A 213 -9.58 -23.01 -12.29
CA ARG A 213 -10.70 -23.51 -13.12
C ARG A 213 -12.03 -23.00 -12.59
N GLY A 214 -12.86 -22.47 -13.46
CA GLY A 214 -14.14 -21.95 -13.08
C GLY A 214 -14.19 -20.47 -12.85
N ASN A 215 -13.05 -19.75 -12.88
CA ASN A 215 -13.04 -18.32 -12.61
C ASN A 215 -12.88 -17.44 -13.81
N LEU A 216 -13.04 -17.97 -15.03
CA LEU A 216 -12.89 -17.05 -16.18
C LEU A 216 -13.93 -15.98 -16.22
N ASP A 217 -15.10 -16.21 -15.65
CA ASP A 217 -16.16 -15.16 -15.56
C ASP A 217 -15.70 -13.89 -14.76
N ARG A 218 -14.64 -14.03 -13.95
CA ARG A 218 -14.14 -12.97 -13.12
C ARG A 218 -12.79 -12.40 -13.62
N ALA A 219 -12.39 -12.75 -14.83
CA ALA A 219 -11.09 -12.27 -15.42
C ALA A 219 -11.10 -11.03 -16.35
N PRO A 220 -12.21 -10.73 -17.04
CA PRO A 220 -12.04 -9.70 -18.03
C PRO A 220 -11.67 -8.35 -17.52
N TRP A 221 -12.15 -7.95 -16.32
CA TRP A 221 -11.79 -6.56 -15.91
C TRP A 221 -10.24 -6.42 -15.67
N ALA A 222 -9.61 -7.45 -15.13
CA ALA A 222 -8.16 -7.37 -14.89
C ALA A 222 -7.44 -7.31 -16.24
N MET A 223 -7.91 -8.10 -17.23
CA MET A 223 -7.33 -8.02 -18.56
C MET A 223 -7.47 -6.62 -19.17
N THR A 224 -8.68 -6.06 -19.07
CA THR A 224 -8.94 -4.71 -19.52
C THR A 224 -7.99 -3.68 -18.86
N SER A 225 -7.83 -3.81 -17.55
CA SER A 225 -6.94 -2.94 -16.80
C SER A 225 -5.47 -3.07 -17.18
N LEU A 226 -5.04 -4.28 -17.54
CA LEU A 226 -3.66 -4.48 -17.99
C LEU A 226 -3.45 -3.72 -19.28
N LYS A 227 -4.38 -3.87 -20.23
CA LYS A 227 -4.27 -3.11 -21.50
C LYS A 227 -4.34 -1.59 -21.26
N ASN A 228 -5.20 -1.16 -20.36
CA ASN A 228 -5.20 0.26 -19.97
C ASN A 228 -3.88 0.73 -19.42
N SER A 229 -3.25 -0.08 -18.55
CA SER A 229 -1.91 0.20 -17.93
C SER A 229 -0.85 0.34 -19.01
N MET A 230 -0.89 -0.55 -19.99
CA MET A 230 0.16 -0.54 -21.03
C MET A 230 -0.01 0.67 -21.89
N LYS A 231 -1.26 0.97 -22.24
CA LYS A 231 -1.52 2.23 -23.04
C LYS A 231 -1.16 3.50 -22.29
N TRP A 232 -1.48 3.53 -20.99
CA TRP A 232 -1.16 4.72 -20.21
C TRP A 232 0.34 4.91 -20.07
N ASP A 233 1.09 3.85 -19.81
CA ASP A 233 2.52 4.04 -19.62
C ASP A 233 3.14 4.59 -20.90
N GLU A 234 2.62 4.14 -22.06
CA GLU A 234 3.05 4.69 -23.33
C GLU A 234 2.69 6.17 -23.49
N GLU A 235 1.47 6.55 -23.21
CA GLU A 235 1.06 7.93 -23.36
C GLU A 235 1.73 8.91 -22.38
N ARG A 236 1.77 8.51 -21.13
CA ARG A 236 2.26 9.43 -20.09
C ARG A 236 3.79 9.40 -19.97
N PHE A 237 4.40 8.21 -19.94
CA PHE A 237 5.82 8.10 -19.68
C PHE A 237 6.64 7.71 -20.92
N GLY A 238 6.02 7.39 -22.04
CA GLY A 238 6.79 7.00 -23.19
C GLY A 238 7.35 5.59 -23.11
N LEU A 239 6.76 4.76 -22.26
CA LEU A 239 7.35 3.44 -21.97
C LEU A 239 6.52 2.33 -22.59
N GLU A 240 7.19 1.44 -23.33
CA GLU A 240 6.57 0.29 -23.87
C GLU A 240 7.03 -1.05 -23.17
N TYR A 241 6.16 -2.05 -23.25
CA TYR A 241 6.54 -3.37 -22.82
C TYR A 241 7.65 -3.94 -23.76
N ASP A 242 8.53 -4.75 -23.18
CA ASP A 242 9.80 -5.10 -23.75
C ASP A 242 9.96 -6.59 -24.08
N LEU A 243 8.90 -7.37 -23.82
CA LEU A 243 8.88 -8.80 -24.10
C LEU A 243 7.70 -9.17 -24.97
N ASP A 244 7.57 -10.46 -25.25
CA ASP A 244 6.61 -11.03 -26.23
C ASP A 244 5.33 -11.53 -25.57
N ILE A 245 5.43 -11.91 -24.30
CA ILE A 245 4.35 -12.44 -23.52
C ILE A 245 4.32 -11.71 -22.19
N TYR A 246 3.11 -11.46 -21.71
CA TYR A 246 2.84 -10.90 -20.36
C TYR A 246 1.87 -11.87 -19.68
N MET A 247 2.35 -12.62 -18.71
CA MET A 247 1.56 -13.58 -17.94
C MET A 247 1.25 -13.02 -16.55
N ILE A 248 0.03 -13.23 -16.12
CA ILE A 248 -0.45 -12.97 -14.77
C ILE A 248 -1.06 -14.25 -14.25
N VAL A 249 -0.71 -14.64 -13.06
CA VAL A 249 -1.34 -15.82 -12.45
C VAL A 249 -1.99 -15.35 -11.12
N ALA A 250 -3.28 -15.64 -10.94
CA ALA A 250 -4.05 -15.29 -9.74
C ALA A 250 -3.99 -16.49 -8.78
N VAL A 251 -3.44 -16.29 -7.60
CA VAL A 251 -3.39 -17.38 -6.60
C VAL A 251 -4.11 -16.96 -5.34
N ASP A 252 -4.70 -17.93 -4.64
CA ASP A 252 -5.51 -17.61 -3.43
C ASP A 252 -4.67 -17.41 -2.18
N PHE A 253 -3.49 -18.03 -2.15
CA PHE A 253 -2.64 -18.02 -0.98
C PHE A 253 -1.42 -17.15 -1.28
N PHE A 254 -1.41 -15.93 -0.71
CA PHE A 254 -0.35 -14.98 -1.04
C PHE A 254 -0.27 -13.97 0.08
N ASN A 255 0.93 -13.68 0.59
CA ASN A 255 1.11 -12.79 1.70
C ASN A 255 0.90 -11.30 1.45
N MET A 256 1.11 -10.88 0.23
CA MET A 256 0.98 -9.44 -0.14
C MET A 256 -0.16 -9.27 -1.16
N GLY A 257 -0.05 -8.24 -1.97
CA GLY A 257 -1.02 -7.93 -2.94
C GLY A 257 -0.65 -8.60 -4.25
N ALA A 258 0.53 -8.30 -4.75
CA ALA A 258 0.90 -8.90 -6.02
C ALA A 258 2.40 -8.74 -6.22
N MET A 259 2.94 -9.31 -7.26
CA MET A 259 4.40 -9.30 -7.43
C MET A 259 4.79 -9.16 -8.88
N GLU A 260 5.73 -8.26 -9.13
CA GLU A 260 6.13 -7.90 -10.51
C GLU A 260 7.17 -8.79 -11.21
N ASN A 261 7.17 -10.11 -10.94
CA ASN A 261 8.21 -10.98 -11.53
C ASN A 261 8.19 -10.78 -13.06
N LYS A 262 9.35 -10.61 -13.64
CA LYS A 262 9.47 -10.16 -15.06
C LYS A 262 8.69 -11.12 -16.00
N GLY A 263 7.67 -10.60 -16.68
CA GLY A 263 6.93 -11.41 -17.64
C GLY A 263 5.93 -12.40 -17.05
N LEU A 264 5.98 -12.59 -15.73
CA LEU A 264 5.16 -13.58 -15.01
C LEU A 264 4.79 -13.02 -13.66
N ASN A 265 3.86 -12.10 -13.66
CA ASN A 265 3.42 -11.54 -12.41
C ASN A 265 2.56 -12.57 -11.67
N ILE A 266 2.72 -12.64 -10.35
CA ILE A 266 1.88 -13.48 -9.50
C ILE A 266 1.08 -12.53 -8.57
N PHE A 267 -0.25 -12.68 -8.59
CA PHE A 267 -1.19 -11.77 -7.92
C PHE A 267 -1.99 -12.54 -6.90
N ASN A 268 -2.21 -11.90 -5.74
CA ASN A 268 -3.27 -12.35 -4.85
C ASN A 268 -4.56 -12.26 -5.66
N SER A 269 -5.38 -13.31 -5.64
CA SER A 269 -6.58 -13.28 -6.47
CA SER A 269 -6.65 -13.34 -6.36
C SER A 269 -7.53 -12.16 -6.05
N LYS A 270 -7.38 -11.64 -4.85
CA LYS A 270 -8.15 -10.42 -4.49
C LYS A 270 -7.94 -9.26 -5.41
N TYR A 271 -6.75 -9.12 -6.01
CA TYR A 271 -6.51 -8.06 -6.91
C TYR A 271 -6.53 -8.51 -8.38
N VAL A 272 -7.33 -9.52 -8.67
CA VAL A 272 -7.59 -9.90 -10.02
C VAL A 272 -9.10 -10.11 -10.20
N LEU A 273 -9.75 -10.93 -9.34
CA LEU A 273 -11.06 -11.48 -9.69
C LEU A 273 -12.19 -10.55 -9.35
N ALA A 274 -13.01 -10.21 -10.34
CA ALA A 274 -14.15 -9.32 -10.13
C ALA A 274 -15.28 -9.67 -11.12
N ARG A 275 -16.51 -9.69 -10.60
CA ARG A 275 -17.68 -9.51 -11.44
C ARG A 275 -18.68 -8.72 -10.67
N THR A 276 -19.72 -8.24 -11.32
CA THR A 276 -20.53 -7.18 -10.69
C THR A 276 -21.26 -7.63 -9.40
N ASP A 277 -21.58 -8.90 -9.30
CA ASP A 277 -22.26 -9.42 -8.11
C ASP A 277 -21.29 -9.82 -6.98
N THR A 278 -19.99 -9.84 -7.24
CA THR A 278 -18.98 -10.29 -6.26
C THR A 278 -18.08 -9.15 -5.80
N ALA A 279 -17.95 -8.09 -6.58
CA ALA A 279 -16.94 -7.08 -6.33
C ALA A 279 -17.55 -5.72 -6.29
N THR A 280 -17.07 -4.86 -5.39
CA THR A 280 -17.58 -3.50 -5.30
C THR A 280 -16.82 -2.57 -6.25
N ASP A 281 -17.31 -1.36 -6.36
CA ASP A 281 -16.59 -0.31 -7.11
C ASP A 281 -15.17 -0.16 -6.62
N LYS A 282 -15.00 -0.13 -5.34
CA LYS A 282 -13.68 -0.03 -4.74
C LYS A 282 -12.79 -1.25 -5.13
N ASP A 283 -13.32 -2.47 -5.10
CA ASP A 283 -12.56 -3.62 -5.61
C ASP A 283 -12.14 -3.41 -7.09
N TYR A 284 -13.07 -2.97 -7.95
CA TYR A 284 -12.70 -2.69 -9.37
C TYR A 284 -11.52 -1.73 -9.46
N LEU A 285 -11.60 -0.62 -8.73
CA LEU A 285 -10.58 0.41 -8.75
C LEU A 285 -9.25 -0.05 -8.11
N ASP A 286 -9.33 -0.92 -7.10
CA ASP A 286 -8.11 -1.53 -6.51
C ASP A 286 -7.47 -2.54 -7.48
N ILE A 287 -8.29 -3.32 -8.20
CA ILE A 287 -7.72 -4.23 -9.24
C ILE A 287 -7.01 -3.39 -10.26
N GLU A 288 -7.65 -2.32 -10.72
CA GLU A 288 -7.02 -1.46 -11.64
C GLU A 288 -5.65 -0.90 -11.15
N ARG A 289 -5.65 -0.37 -9.94
CA ARG A 289 -4.43 0.20 -9.37
CA ARG A 289 -4.51 0.12 -9.18
C ARG A 289 -3.31 -0.86 -9.22
N VAL A 290 -3.63 -2.06 -8.79
CA VAL A 290 -2.59 -3.06 -8.50
C VAL A 290 -2.06 -3.68 -9.80
N ILE A 291 -2.98 -3.98 -10.72
CA ILE A 291 -2.61 -4.33 -12.08
C ILE A 291 -1.66 -3.29 -12.63
N GLY A 292 -2.02 -2.01 -12.57
CA GLY A 292 -1.17 -1.00 -13.05
C GLY A 292 0.18 -0.96 -12.36
N HIS A 293 0.14 -0.98 -11.05
CA HIS A 293 1.36 -0.96 -10.23
C HIS A 293 2.36 -2.02 -10.67
N GLU A 294 1.94 -3.27 -10.77
CA GLU A 294 2.87 -4.33 -11.13
C GLU A 294 3.41 -4.14 -12.55
N TYR A 295 2.56 -3.72 -13.48
CA TYR A 295 2.96 -3.36 -14.81
C TYR A 295 3.99 -2.26 -14.82
N PHE A 296 3.77 -1.16 -14.09
CA PHE A 296 4.72 -0.06 -14.02
C PHE A 296 6.07 -0.44 -13.48
N HIS A 297 6.10 -1.47 -12.63
CA HIS A 297 7.36 -1.96 -12.16
C HIS A 297 8.22 -2.52 -13.31
N ASN A 298 7.62 -2.82 -14.46
CA ASN A 298 8.43 -3.38 -15.52
C ASN A 298 9.65 -2.46 -15.82
N TRP A 299 9.39 -1.15 -15.77
CA TRP A 299 10.49 -0.15 -15.86
C TRP A 299 11.05 0.27 -14.54
N THR A 300 10.17 0.66 -13.60
CA THR A 300 10.63 1.20 -12.34
C THR A 300 10.70 0.07 -11.34
N GLY A 301 11.79 -0.72 -11.44
CA GLY A 301 11.99 -1.91 -10.60
C GLY A 301 12.66 -3.06 -11.37
N ASN A 302 12.27 -3.32 -12.59
CA ASN A 302 12.82 -4.47 -13.37
C ASN A 302 13.94 -4.03 -14.34
N ARG A 303 13.67 -3.11 -15.26
CA ARG A 303 14.70 -2.62 -16.15
C ARG A 303 15.72 -1.81 -15.37
N VAL A 304 15.28 -1.04 -14.33
CA VAL A 304 16.21 -0.50 -13.40
C VAL A 304 15.77 -1.03 -12.03
N THR A 305 16.66 -1.78 -11.36
CA THR A 305 16.39 -2.44 -10.08
C THR A 305 17.10 -1.72 -8.95
N CYS A 306 17.04 -2.29 -7.77
CA CYS A 306 17.63 -1.72 -6.53
C CYS A 306 18.99 -2.28 -6.24
N ARG A 307 19.97 -1.41 -5.94
CA ARG A 307 21.30 -1.90 -5.52
C ARG A 307 21.27 -2.77 -4.27
N ASP A 308 20.41 -2.45 -3.34
CA ASP A 308 20.31 -3.13 -2.04
C ASP A 308 18.92 -2.82 -1.51
N TRP A 309 18.46 -3.54 -0.48
CA TRP A 309 17.10 -3.45 -0.02
C TRP A 309 16.78 -2.14 0.73
N PHE A 310 17.83 -1.44 1.18
CA PHE A 310 17.67 -0.14 1.75
C PHE A 310 17.16 0.82 0.70
N GLN A 311 17.36 0.53 -0.57
CA GLN A 311 16.83 1.36 -1.67
C GLN A 311 15.41 0.98 -2.13
N LEU A 312 14.67 0.23 -1.33
CA LEU A 312 13.37 -0.23 -1.72
C LEU A 312 12.43 0.88 -2.25
N SER A 313 12.47 2.06 -1.66
CA SER A 313 11.62 3.16 -2.12
C SER A 313 11.94 3.67 -3.48
N LEU A 314 13.16 3.47 -3.95
CA LEU A 314 13.51 3.79 -5.35
C LEU A 314 12.46 3.17 -6.30
N LYS A 315 12.12 1.90 -6.09
CA LYS A 315 11.13 1.31 -6.95
C LYS A 315 9.75 1.44 -6.36
N GLU A 316 9.61 1.40 -5.03
CA GLU A 316 8.24 1.41 -4.50
C GLU A 316 7.61 2.80 -4.45
N GLY A 317 8.37 3.80 -4.08
CA GLY A 317 7.80 5.14 -4.04
C GLY A 317 7.42 5.58 -5.45
N LEU A 318 8.34 5.33 -6.38
CA LEU A 318 8.15 5.72 -7.76
C LEU A 318 7.02 4.98 -8.44
N THR A 319 6.90 3.67 -8.17
CA THR A 319 5.85 2.87 -8.76
C THR A 319 4.48 3.20 -8.17
N VAL A 320 4.42 3.46 -6.86
CA VAL A 320 3.20 3.93 -6.25
C VAL A 320 2.82 5.30 -6.83
N PHE A 321 3.77 6.20 -6.99
CA PHE A 321 3.46 7.45 -7.64
C PHE A 321 2.85 7.22 -9.04
N ARG A 322 3.47 6.34 -9.81
CA ARG A 322 2.96 6.00 -11.12
C ARG A 322 1.56 5.39 -11.04
N ASP A 323 1.30 4.48 -10.14
CA ASP A 323 -0.03 3.91 -10.05
C ASP A 323 -1.07 4.98 -9.63
N GLN A 324 -0.68 5.94 -8.78
CA GLN A 324 -1.60 7.02 -8.42
C GLN A 324 -1.90 7.94 -9.60
N GLU A 325 -0.86 8.30 -10.37
CA GLU A 325 -1.02 9.07 -11.57
C GLU A 325 -1.93 8.38 -12.66
N PHE A 326 -1.78 7.09 -12.82
CA PHE A 326 -2.59 6.24 -13.68
C PHE A 326 -4.03 6.33 -13.25
N SER A 327 -4.27 6.02 -11.97
CA SER A 327 -5.63 6.09 -11.41
C SER A 327 -6.29 7.46 -11.55
N SER A 328 -5.50 8.45 -11.25
CA SER A 328 -5.89 9.83 -11.31
C SER A 328 -6.22 10.33 -12.74
N ASP A 329 -5.40 9.95 -13.68
CA ASP A 329 -5.61 10.31 -15.12
C ASP A 329 -6.83 9.58 -15.63
N LEU A 330 -7.01 8.30 -15.37
CA LEU A 330 -8.18 7.59 -15.90
C LEU A 330 -9.49 7.92 -15.15
N GLY A 331 -9.40 8.24 -13.87
CA GLY A 331 -10.60 8.38 -13.05
C GLY A 331 -10.70 9.82 -12.54
N SER A 332 -11.08 9.97 -11.29
CA SER A 332 -11.21 11.29 -10.66
C SER A 332 -9.86 11.65 -9.95
N ARG A 333 -9.14 12.67 -10.41
CA ARG A 333 -7.92 13.03 -9.78
C ARG A 333 -8.17 13.50 -8.31
N ALA A 334 -9.25 14.25 -8.10
CA ALA A 334 -9.57 14.73 -6.75
C ALA A 334 -9.86 13.58 -5.79
N VAL A 335 -10.66 12.61 -6.19
CA VAL A 335 -10.97 11.54 -5.32
C VAL A 335 -9.72 10.71 -4.99
N ASN A 336 -8.91 10.44 -6.01
CA ASN A 336 -7.62 9.73 -5.76
C ASN A 336 -6.76 10.47 -4.79
N ARG A 337 -6.65 11.77 -4.97
CA ARG A 337 -5.76 12.55 -4.13
C ARG A 337 -6.31 12.57 -2.68
N ILE A 338 -7.60 12.82 -2.53
CA ILE A 338 -8.23 12.75 -1.23
C ILE A 338 -7.96 11.43 -0.53
N ASN A 339 -8.21 10.33 -1.20
CA ASN A 339 -7.97 9.03 -0.59
C ASN A 339 -6.51 8.74 -0.24
N ASN A 340 -5.58 9.22 -1.07
CA ASN A 340 -4.19 9.04 -0.71
C ASN A 340 -3.78 9.89 0.46
N VAL A 341 -4.40 11.06 0.59
CA VAL A 341 -4.18 11.92 1.70
C VAL A 341 -4.77 11.33 2.99
N ARG A 342 -5.97 10.76 2.93
CA ARG A 342 -6.53 10.04 4.04
CA ARG A 342 -6.50 10.04 4.05
C ARG A 342 -5.56 8.92 4.56
N THR A 343 -4.97 8.16 3.63
CA THR A 343 -4.04 7.14 4.00
C THR A 343 -2.85 7.74 4.65
N MET A 344 -2.34 8.80 4.11
CA MET A 344 -1.09 9.37 4.67
C MET A 344 -1.32 9.90 6.12
N ARG A 345 -2.37 10.72 6.25
CA ARG A 345 -2.61 11.32 7.57
C ARG A 345 -3.14 10.38 8.59
N GLY A 346 -3.94 9.45 8.17
CA GLY A 346 -4.52 8.52 9.04
C GLY A 346 -3.79 7.21 9.40
N LEU A 347 -2.91 6.74 8.53
CA LEU A 347 -2.21 5.48 8.71
C LEU A 347 -0.72 5.71 8.69
N GLN A 348 -0.21 6.47 7.73
CA GLN A 348 1.25 6.64 7.68
C GLN A 348 1.81 7.50 8.78
N PHE A 349 1.13 8.59 9.10
CA PHE A 349 1.53 9.46 10.18
C PHE A 349 1.65 8.66 11.52
N ALA A 350 0.74 7.75 11.72
CA ALA A 350 0.76 6.90 12.95
C ALA A 350 2.01 6.00 12.95
N GLU A 351 2.41 5.49 11.78
CA GLU A 351 3.65 4.72 11.72
C GLU A 351 4.88 5.58 12.01
N ASP A 352 4.87 6.80 11.49
CA ASP A 352 5.98 7.71 11.65
C ASP A 352 6.14 8.22 13.11
N ALA A 353 5.14 7.98 13.95
CA ALA A 353 5.20 8.35 15.35
C ALA A 353 5.38 7.08 16.20
N SER A 354 5.59 5.91 15.58
CA SER A 354 5.61 4.65 16.29
C SER A 354 7.05 4.21 16.53
N PRO A 355 7.21 3.15 17.32
CA PRO A 355 8.54 2.55 17.53
C PRO A 355 9.17 2.05 16.24
N MET A 356 8.36 1.77 15.21
CA MET A 356 8.87 1.27 13.93
C MET A 356 9.18 2.41 12.96
N ALA A 357 9.21 3.67 13.42
CA ALA A 357 9.40 4.79 12.51
C ALA A 357 10.75 4.63 11.78
N HIS A 358 10.78 4.93 10.48
CA HIS A 358 11.99 4.88 9.66
C HIS A 358 11.91 5.86 8.57
N PRO A 359 13.05 6.28 8.06
CA PRO A 359 13.05 7.12 6.87
C PRO A 359 12.64 6.28 5.64
N ILE A 360 12.23 6.92 4.58
CA ILE A 360 11.81 6.16 3.38
C ILE A 360 12.95 5.30 2.82
N ARG A 361 14.18 5.72 3.09
CA ARG A 361 15.38 4.90 2.79
C ARG A 361 15.94 4.49 4.19
N PRO A 362 15.59 3.30 4.67
CA PRO A 362 16.00 2.98 6.05
C PRO A 362 17.52 2.86 6.21
N ASP A 363 17.96 3.01 7.44
CA ASP A 363 19.35 2.89 7.77
C ASP A 363 19.70 1.60 8.41
N MET A 364 18.72 0.93 9.03
CA MET A 364 18.91 -0.29 9.77
C MET A 364 17.68 -1.19 9.63
N VAL A 365 17.95 -2.48 9.37
CA VAL A 365 16.93 -3.44 9.17
C VAL A 365 17.37 -4.79 9.77
N ILE A 366 16.46 -5.42 10.49
CA ILE A 366 16.66 -6.80 10.94
C ILE A 366 16.02 -7.74 9.97
N GLU A 367 14.73 -7.58 9.70
CA GLU A 367 14.06 -8.42 8.75
C GLU A 367 13.46 -7.53 7.65
N MET A 368 13.95 -7.67 6.44
CA MET A 368 13.60 -6.77 5.34
C MET A 368 12.13 -6.87 4.99
N ASN A 369 11.47 -7.99 5.29
CA ASN A 369 10.06 -8.04 5.00
C ASN A 369 9.28 -7.14 5.92
N ASN A 370 9.84 -6.69 7.04
CA ASN A 370 9.14 -5.67 7.86
C ASN A 370 9.15 -4.27 7.27
N PHE A 371 9.85 -4.01 6.17
CA PHE A 371 9.96 -2.64 5.63
C PHE A 371 9.21 -2.44 4.30
N TYR A 372 8.24 -3.31 4.04
CA TYR A 372 7.24 -3.07 2.97
C TYR A 372 6.11 -2.25 3.58
N THR A 373 6.39 -0.97 3.85
CA THR A 373 5.61 -0.19 4.75
C THR A 373 4.86 0.97 4.08
N LEU A 374 3.85 1.51 4.80
CA LEU A 374 3.20 2.74 4.40
C LEU A 374 4.22 3.82 4.20
N THR A 375 5.29 3.80 5.01
CA THR A 375 6.32 4.82 4.88
C THR A 375 7.03 4.66 3.54
N VAL A 376 7.59 3.48 3.32
CA VAL A 376 8.37 3.25 2.08
C VAL A 376 7.51 3.45 0.80
N TYR A 377 6.29 2.97 0.86
CA TYR A 377 5.33 3.03 -0.27
C TYR A 377 4.69 4.44 -0.41
N GLU A 378 3.87 4.81 0.54
CA GLU A 378 3.04 5.99 0.46
C GLU A 378 3.76 7.26 0.73
N LYS A 379 4.55 7.30 1.82
CA LYS A 379 5.43 8.45 1.99
C LYS A 379 6.48 8.55 0.85
N GLY A 380 6.98 7.39 0.40
CA GLY A 380 7.87 7.34 -0.75
C GLY A 380 7.29 8.06 -1.93
N ALA A 381 6.03 7.75 -2.21
CA ALA A 381 5.34 8.40 -3.32
C ALA A 381 5.13 9.87 -3.12
N GLU A 382 4.77 10.26 -1.90
CA GLU A 382 4.68 11.76 -1.61
C GLU A 382 6.01 12.45 -1.87
N VAL A 383 7.13 11.76 -1.58
CA VAL A 383 8.45 12.35 -1.88
C VAL A 383 8.67 12.53 -3.40
N ILE A 384 8.36 11.50 -4.17
CA ILE A 384 8.41 11.58 -5.65
C ILE A 384 7.46 12.71 -6.15
N ARG A 385 6.28 12.78 -5.56
CA ARG A 385 5.34 13.86 -5.94
C ARG A 385 5.84 15.28 -5.60
N MET A 386 6.58 15.42 -4.50
CA MET A 386 7.29 16.69 -4.20
C MET A 386 8.31 17.06 -5.28
N ILE A 387 9.09 16.06 -5.73
CA ILE A 387 9.99 16.29 -6.88
C ILE A 387 9.17 16.79 -8.08
N HIS A 388 8.08 16.12 -8.39
CA HIS A 388 7.23 16.55 -9.47
C HIS A 388 6.70 17.98 -9.26
N THR A 389 6.31 18.30 -8.05
CA THR A 389 5.83 19.66 -7.75
C THR A 389 6.96 20.68 -7.95
N LEU A 390 8.15 20.37 -7.50
CA LEU A 390 9.27 21.25 -7.68
C LEU A 390 9.73 21.38 -9.13
N LEU A 391 9.65 20.33 -9.91
CA LEU A 391 10.22 20.38 -11.30
C LEU A 391 9.22 20.75 -12.35
N GLY A 392 8.01 20.37 -12.17
CA GLY A 392 6.97 20.45 -13.19
C GLY A 392 7.02 19.17 -14.01
N GLU A 393 5.93 18.89 -14.71
CA GLU A 393 5.81 17.67 -15.53
C GLU A 393 6.93 17.51 -16.59
N GLU A 394 7.20 18.53 -17.34
CA GLU A 394 8.14 18.43 -18.44
C GLU A 394 9.54 18.11 -17.89
N ASN A 395 9.98 18.85 -16.88
CA ASN A 395 11.28 18.56 -16.28
C ASN A 395 11.30 17.20 -15.60
N PHE A 396 10.21 16.84 -14.96
CA PHE A 396 10.13 15.53 -14.29
C PHE A 396 10.36 14.37 -15.34
N GLN A 397 9.72 14.50 -16.47
CA GLN A 397 9.85 13.48 -17.54
C GLN A 397 11.26 13.49 -18.10
N LYS A 398 11.87 14.66 -18.23
CA LYS A 398 13.27 14.67 -18.61
C LYS A 398 14.14 13.92 -17.61
N GLY A 399 13.88 14.13 -16.34
CA GLY A 399 14.54 13.33 -15.34
C GLY A 399 14.33 11.82 -15.45
N MET A 400 13.09 11.41 -15.64
CA MET A 400 12.77 10.01 -15.85
C MET A 400 13.60 9.46 -17.02
N GLN A 401 13.66 10.22 -18.11
CA GLN A 401 14.41 9.79 -19.30
C GLN A 401 15.90 9.67 -19.03
N LEU A 402 16.46 10.59 -18.24
CA LEU A 402 17.87 10.54 -17.92
C LEU A 402 18.16 9.40 -16.97
N TYR A 403 17.23 9.17 -16.04
CA TYR A 403 17.34 8.00 -15.13
C TYR A 403 17.46 6.65 -15.91
N PHE A 404 16.56 6.43 -16.80
CA PHE A 404 16.61 5.24 -17.62
C PHE A 404 17.82 5.22 -18.55
N GLU A 405 18.18 6.35 -19.13
CA GLU A 405 19.32 6.37 -20.03
C GLU A 405 20.61 5.99 -19.24
N ARG A 406 20.78 6.48 -18.03
CA ARG A 406 21.93 6.12 -17.23
C ARG A 406 21.86 4.74 -16.63
N HIS A 407 20.67 4.28 -16.21
CA HIS A 407 20.60 3.13 -15.34
C HIS A 407 19.91 1.87 -15.87
N ASP A 408 19.37 1.90 -17.08
CA ASP A 408 18.75 0.76 -17.71
CA ASP A 408 18.74 0.72 -17.66
C ASP A 408 19.72 -0.43 -17.68
N GLY A 409 19.26 -1.58 -17.25
CA GLY A 409 20.07 -2.83 -17.16
C GLY A 409 20.89 -2.91 -15.88
N SER A 410 20.68 -2.05 -14.89
CA SER A 410 21.53 -2.09 -13.73
C SER A 410 20.69 -1.89 -12.44
N ALA A 411 21.34 -2.10 -11.31
N ALA A 411 21.33 -2.03 -11.28
CA ALA A 411 20.83 -1.76 -10.01
CA ALA A 411 20.71 -1.85 -9.95
C ALA A 411 21.19 -0.30 -9.77
C ALA A 411 21.21 -0.53 -9.34
N ALA A 412 20.29 0.41 -9.11
CA ALA A 412 20.59 1.77 -8.78
C ALA A 412 20.19 2.11 -7.35
N THR A 413 20.45 3.35 -6.98
CA THR A 413 20.14 3.82 -5.63
C THR A 413 19.14 5.00 -5.70
N CYS A 414 18.50 5.26 -4.57
CA CYS A 414 17.64 6.47 -4.42
C CYS A 414 18.40 7.73 -4.78
N ASP A 415 19.64 7.80 -4.35
CA ASP A 415 20.48 8.93 -4.67
C ASP A 415 20.72 9.09 -6.16
N ASP A 416 20.93 7.97 -6.92
CA ASP A 416 21.00 8.04 -8.38
C ASP A 416 19.80 8.64 -9.04
N PHE A 417 18.62 8.29 -8.54
CA PHE A 417 17.39 8.85 -9.06
C PHE A 417 17.26 10.37 -8.85
N VAL A 418 17.55 10.80 -7.64
CA VAL A 418 17.49 12.20 -7.34
C VAL A 418 18.54 12.93 -8.17
N GLN A 419 19.71 12.32 -8.36
CA GLN A 419 20.67 12.98 -9.19
C GLN A 419 20.24 13.13 -10.67
N ALA A 420 19.59 12.14 -11.25
CA ALA A 420 19.06 12.28 -12.60
C ALA A 420 18.03 13.41 -12.65
N MET A 421 17.15 13.48 -11.67
CA MET A 421 16.15 14.53 -11.68
C MET A 421 16.80 15.94 -11.60
N GLU A 422 17.78 16.06 -10.73
CA GLU A 422 18.56 17.29 -10.57
C GLU A 422 19.30 17.65 -11.84
N ASP A 423 20.02 16.69 -12.41
CA ASP A 423 20.80 16.97 -13.61
C ASP A 423 19.95 17.26 -14.82
N ALA A 424 18.81 16.61 -14.99
CA ALA A 424 18.00 16.90 -16.15
C ALA A 424 17.28 18.25 -16.06
N SER A 425 16.87 18.60 -14.87
CA SER A 425 16.07 19.79 -14.67
C SER A 425 16.81 21.05 -14.38
N ASN A 426 18.04 20.93 -13.91
CA ASN A 426 18.74 22.01 -13.30
C ASN A 426 18.04 22.56 -12.08
N VAL A 427 17.23 21.78 -11.37
CA VAL A 427 16.75 22.22 -10.05
C VAL A 427 17.66 21.62 -8.98
N ASP A 428 18.06 22.39 -7.96
CA ASP A 428 18.98 21.88 -6.95
C ASP A 428 18.17 21.09 -5.95
N LEU A 429 18.49 19.80 -5.82
CA LEU A 429 17.85 18.90 -4.85
C LEU A 429 18.76 18.44 -3.75
N SER A 430 19.86 19.16 -3.45
CA SER A 430 20.75 18.79 -2.35
C SER A 430 20.08 18.75 -1.03
N HIS A 431 19.43 19.82 -0.71
CA HIS A 431 18.70 19.85 0.56
C HIS A 431 17.52 18.88 0.59
N PHE A 432 16.85 18.81 -0.53
CA PHE A 432 15.69 17.88 -0.72
C PHE A 432 16.00 16.43 -0.36
N ARG A 433 17.23 16.01 -0.58
CA ARG A 433 17.66 14.64 -0.23
C ARG A 433 17.47 14.27 1.22
N ARG A 434 17.39 15.28 2.09
CA ARG A 434 17.12 15.01 3.48
C ARG A 434 15.81 14.27 3.73
N TRP A 435 14.87 14.38 2.80
CA TRP A 435 13.62 13.58 2.91
C TRP A 435 13.86 12.09 2.86
N TYR A 436 14.96 11.66 2.26
CA TYR A 436 15.28 10.24 2.24
C TYR A 436 15.90 9.71 3.53
N SER A 437 16.57 10.60 4.29
CA SER A 437 17.30 10.17 5.47
CA SER A 437 17.38 10.29 5.47
C SER A 437 16.70 10.54 6.80
N GLN A 438 15.64 11.36 6.83
CA GLN A 438 15.01 11.75 8.06
C GLN A 438 13.63 11.16 8.20
N SER A 439 13.35 10.53 9.36
CA SER A 439 12.08 9.97 9.65
C SER A 439 11.17 11.05 10.35
N GLY A 440 9.93 10.70 10.58
CA GLY A 440 8.96 11.52 11.34
C GLY A 440 8.22 12.51 10.43
N THR A 441 7.09 13.00 10.90
CA THR A 441 6.29 13.95 10.20
C THR A 441 6.64 15.40 10.63
N PRO A 442 7.05 16.25 9.70
CA PRO A 442 7.20 17.67 9.95
C PRO A 442 5.88 18.36 10.23
N ILE A 443 5.99 19.27 11.19
CA ILE A 443 4.89 20.16 11.59
C ILE A 443 5.23 21.56 11.11
N VAL A 444 4.34 22.07 10.24
CA VAL A 444 4.53 23.34 9.63
C VAL A 444 3.53 24.29 10.27
N THR A 445 4.05 25.33 10.93
CA THR A 445 3.20 26.39 11.59
C THR A 445 3.16 27.64 10.75
N VAL A 446 1.97 28.14 10.50
CA VAL A 446 1.81 29.31 9.69
C VAL A 446 1.03 30.39 10.48
N LYS A 447 1.55 31.59 10.43
CA LYS A 447 0.89 32.84 10.92
C LYS A 447 0.86 33.83 9.79
N ASP A 448 -0.17 34.66 9.78
CA ASP A 448 -0.36 35.64 8.73
C ASP A 448 -0.65 37.03 9.23
N ASP A 449 -0.41 37.99 8.38
CA ASP A 449 -0.65 39.38 8.71
C ASP A 449 -1.06 40.07 7.45
N TYR A 450 -2.14 40.84 7.50
CA TYR A 450 -2.52 41.67 6.39
C TYR A 450 -2.36 43.13 6.80
N ASN A 451 -1.62 43.87 5.98
CA ASN A 451 -1.30 45.28 6.20
C ASN A 451 -2.07 46.13 5.14
N PRO A 452 -3.16 46.74 5.59
CA PRO A 452 -3.98 47.53 4.67
C PRO A 452 -3.29 48.82 4.20
N GLU A 453 -2.38 49.36 4.94
CA GLU A 453 -1.63 50.56 4.46
C GLU A 453 -0.77 50.24 3.26
N THR A 454 -0.11 49.08 3.27
CA THR A 454 0.77 48.71 2.14
C THR A 454 0.21 47.70 1.17
N GLU A 455 -0.97 47.14 1.48
CA GLU A 455 -1.55 46.04 0.70
C GLU A 455 -0.56 44.88 0.53
N GLN A 456 0.05 44.53 1.64
CA GLN A 456 0.95 43.40 1.74
C GLN A 456 0.38 42.37 2.67
N TYR A 457 0.58 41.11 2.30
CA TYR A 457 0.23 39.95 3.11
C TYR A 457 1.51 39.18 3.41
N THR A 458 1.77 38.94 4.69
CA THR A 458 2.91 38.29 5.14
C THR A 458 2.53 36.95 5.74
N LEU A 459 3.16 35.86 5.24
CA LEU A 459 3.15 34.57 5.89
C LEU A 459 4.46 34.27 6.60
N THR A 460 4.35 33.96 7.86
CA THR A 460 5.47 33.49 8.66
C THR A 460 5.29 32.02 8.89
N ILE A 461 6.23 31.26 8.37
CA ILE A 461 6.12 29.82 8.31
C ILE A 461 7.29 29.20 9.02
N SER A 462 6.99 28.30 9.94
CA SER A 462 8.05 27.62 10.65
CA SER A 462 7.98 27.60 10.73
C SER A 462 7.86 26.13 10.51
N GLN A 463 8.94 25.36 10.70
CA GLN A 463 8.88 23.90 10.64
C GLN A 463 9.66 23.28 11.76
N ARG A 464 9.18 22.16 12.22
CA ARG A 464 10.04 21.31 13.06
C ARG A 464 9.60 19.89 12.90
N THR A 465 10.50 18.96 13.06
CA THR A 465 10.09 17.55 13.16
C THR A 465 10.45 17.08 14.56
N PRO A 466 9.50 16.53 15.28
CA PRO A 466 9.83 15.99 16.59
C PRO A 466 10.75 14.81 16.50
N ALA A 467 11.58 14.60 17.53
CA ALA A 467 12.46 13.43 17.51
C ALA A 467 11.60 12.19 17.41
N THR A 468 12.14 11.14 16.81
CA THR A 468 11.45 9.88 16.73
C THR A 468 12.29 8.82 17.46
N PRO A 469 11.72 7.63 17.63
CA PRO A 469 12.42 6.64 18.43
C PRO A 469 13.70 6.20 17.76
N ASP A 470 13.80 6.29 16.43
CA ASP A 470 15.02 5.93 15.73
C ASP A 470 16.03 7.04 15.53
N GLN A 471 15.69 8.30 15.68
CA GLN A 471 16.57 9.41 15.37
C GLN A 471 16.30 10.55 16.35
N ALA A 472 17.35 10.93 17.06
CA ALA A 472 17.27 11.98 18.03
C ALA A 472 17.52 13.33 17.36
N GLU A 473 18.23 13.36 16.24
CA GLU A 473 18.61 14.57 15.61
C GLU A 473 17.69 14.80 14.40
N LYS A 474 17.09 15.98 14.29
CA LYS A 474 16.24 16.33 13.15
C LYS A 474 16.68 17.70 12.66
N GLN A 475 16.56 17.93 11.36
CA GLN A 475 16.83 19.17 10.75
C GLN A 475 15.72 19.59 9.78
N PRO A 476 15.71 20.90 9.39
CA PRO A 476 14.71 21.42 8.48
C PRO A 476 14.80 20.74 7.10
N LEU A 477 13.65 20.52 6.49
CA LEU A 477 13.52 19.96 5.15
C LEU A 477 13.26 20.99 4.12
N HIS A 478 13.39 20.61 2.85
CA HIS A 478 13.01 21.47 1.73
C HIS A 478 11.54 21.11 1.45
N ILE A 479 10.63 21.95 1.94
CA ILE A 479 9.19 21.68 1.94
C ILE A 479 8.55 22.54 0.87
N PRO A 480 8.06 21.94 -0.22
CA PRO A 480 7.27 22.67 -1.22
C PRO A 480 5.89 22.97 -0.67
N PHE A 481 5.64 24.26 -0.43
CA PHE A 481 4.42 24.76 0.30
C PHE A 481 3.54 25.55 -0.60
N ALA A 482 2.56 24.89 -1.20
CA ALA A 482 1.73 25.53 -2.21
C ALA A 482 0.64 26.36 -1.54
N ILE A 483 0.41 27.59 -2.04
CA ILE A 483 -0.65 28.44 -1.53
C ILE A 483 -1.53 28.97 -2.65
N GLU A 484 -2.70 29.46 -2.26
CA GLU A 484 -3.60 30.25 -3.11
C GLU A 484 -4.33 31.27 -2.22
N LEU A 485 -4.43 32.54 -2.67
CA LEU A 485 -5.04 33.61 -1.87
C LEU A 485 -6.37 34.02 -2.51
N TYR A 486 -7.46 34.02 -1.73
CA TYR A 486 -8.78 34.28 -2.27
C TYR A 486 -9.28 35.61 -1.76
N ASP A 487 -9.87 36.38 -2.67
CA ASP A 487 -10.52 37.62 -2.29
C ASP A 487 -11.96 37.38 -1.79
N ASN A 488 -12.65 38.45 -1.43
CA ASN A 488 -13.98 38.32 -0.80
C ASN A 488 -15.05 37.83 -1.72
N GLU A 489 -14.80 37.88 -3.01
CA GLU A 489 -15.70 37.28 -3.98
C GLU A 489 -15.32 35.86 -4.28
N GLY A 490 -14.28 35.30 -3.69
CA GLY A 490 -13.82 33.97 -4.15
C GLY A 490 -12.91 33.91 -5.37
N LYS A 491 -12.34 34.99 -5.77
CA LYS A 491 -11.40 34.97 -6.90
C LYS A 491 -10.00 34.93 -6.38
N VAL A 492 -9.14 34.35 -7.20
CA VAL A 492 -7.72 34.24 -6.90
C VAL A 492 -7.00 35.56 -7.00
N ILE A 493 -6.24 35.93 -5.98
CA ILE A 493 -5.47 37.15 -5.97
C ILE A 493 -4.11 36.77 -6.57
N PRO A 494 -3.68 37.49 -7.65
CA PRO A 494 -2.36 37.18 -8.23
C PRO A 494 -1.24 37.31 -7.22
N LEU A 495 -0.37 36.31 -7.12
CA LEU A 495 0.76 36.42 -6.23
C LEU A 495 1.90 37.18 -6.83
N GLN A 496 2.45 38.14 -6.12
CA GLN A 496 3.49 38.96 -6.68
C GLN A 496 4.24 39.67 -5.63
N LYS A 497 5.45 40.08 -5.98
CA LYS A 497 6.28 40.83 -5.10
C LYS A 497 7.20 41.80 -5.92
N GLY A 498 7.27 43.08 -5.57
CA GLY A 498 8.16 44.05 -6.27
C GLY A 498 7.86 44.17 -7.75
N GLY A 499 6.60 44.07 -8.10
CA GLY A 499 6.17 44.07 -9.50
C GLY A 499 6.49 42.86 -10.38
N HIS A 500 6.79 41.70 -9.78
CA HIS A 500 7.02 40.44 -10.50
C HIS A 500 6.12 39.33 -9.94
N PRO A 501 5.59 38.44 -10.78
CA PRO A 501 4.92 37.25 -10.27
C PRO A 501 5.83 36.40 -9.45
N VAL A 502 5.24 35.73 -8.46
CA VAL A 502 5.88 34.87 -7.49
C VAL A 502 5.21 33.51 -7.73
N ASN A 503 6.03 32.48 -7.77
CA ASN A 503 5.53 31.14 -7.92
C ASN A 503 4.68 30.77 -6.66
N SER A 504 3.60 30.07 -6.85
CA SER A 504 2.69 29.78 -5.75
C SER A 504 3.15 28.56 -4.91
N VAL A 505 4.20 27.85 -5.36
CA VAL A 505 4.88 26.86 -4.56
C VAL A 505 5.99 27.54 -3.82
N LEU A 506 5.76 27.81 -2.55
CA LEU A 506 6.84 28.40 -1.75
C LEU A 506 7.91 27.38 -1.31
N ASN A 507 9.17 27.79 -1.32
CA ASN A 507 10.22 26.91 -0.87
C ASN A 507 10.48 27.11 0.62
N VAL A 508 9.92 26.30 1.49
CA VAL A 508 10.05 26.50 2.89
C VAL A 508 11.25 25.61 3.26
N THR A 509 12.42 26.22 3.40
CA THR A 509 13.68 25.48 3.63
C THR A 509 14.34 25.72 4.97
N GLN A 510 13.83 26.67 5.76
CA GLN A 510 14.44 27.04 7.02
C GLN A 510 13.57 26.67 8.14
N ALA A 511 14.08 26.75 9.37
CA ALA A 511 13.27 26.59 10.59
C ALA A 511 12.19 27.63 10.69
N GLU A 512 12.47 28.81 10.16
CA GLU A 512 11.52 29.91 10.20
C GLU A 512 11.80 30.89 9.10
N GLN A 513 10.80 31.29 8.39
CA GLN A 513 10.98 32.31 7.36
C GLN A 513 9.68 33.07 7.12
N THR A 514 9.81 34.20 6.43
CA THR A 514 8.67 35.02 6.12
CA THR A 514 8.71 35.07 6.13
C THR A 514 8.58 35.18 4.63
N PHE A 515 7.39 35.19 4.11
CA PHE A 515 7.16 35.49 2.71
C PHE A 515 6.22 36.67 2.65
N VAL A 516 6.52 37.65 1.80
CA VAL A 516 5.70 38.90 1.70
C VAL A 516 5.18 39.02 0.31
N PHE A 517 3.85 39.21 0.18
CA PHE A 517 3.23 39.38 -1.12
C PHE A 517 2.68 40.81 -1.23
N ASP A 518 2.79 41.49 -2.41
CA ASP A 518 2.42 42.89 -2.64
CA ASP A 518 2.26 42.85 -2.49
C ASP A 518 1.17 42.94 -3.48
N ASN A 519 0.57 44.12 -3.58
CA ASN A 519 -0.66 44.22 -4.39
C ASN A 519 -1.73 43.25 -3.94
N VAL A 520 -1.80 43.00 -2.64
CA VAL A 520 -2.88 42.16 -2.10
C VAL A 520 -4.02 43.15 -1.72
N TYR A 521 -4.96 43.26 -2.62
CA TYR A 521 -5.94 44.38 -2.59
C TYR A 521 -7.08 44.12 -1.61
N PHE A 522 -7.24 42.89 -1.14
CA PHE A 522 -8.21 42.53 -0.18
C PHE A 522 -7.61 41.52 0.81
N GLN A 523 -7.99 41.63 2.06
CA GLN A 523 -7.49 40.71 3.07
C GLN A 523 -7.83 39.26 2.63
N PRO A 524 -6.85 38.41 2.43
CA PRO A 524 -7.16 37.16 1.77
C PRO A 524 -7.69 36.06 2.71
N VAL A 525 -8.45 35.13 2.17
CA VAL A 525 -8.61 33.84 2.79
C VAL A 525 -7.58 32.91 2.10
N PRO A 526 -6.65 32.32 2.84
CA PRO A 526 -5.61 31.45 2.16
C PRO A 526 -6.04 30.03 2.07
N ALA A 527 -5.70 29.38 0.98
CA ALA A 527 -5.67 27.96 0.89
C ALA A 527 -4.19 27.57 1.04
N LEU A 528 -3.90 26.78 2.05
CA LEU A 528 -2.57 26.45 2.47
C LEU A 528 -2.27 24.98 2.24
N LEU A 529 -1.01 24.71 1.89
CA LEU A 529 -0.61 23.33 1.57
C LEU A 529 -1.50 22.67 0.51
N CYS A 530 -1.77 23.40 -0.57
CA CYS A 530 -2.71 22.95 -1.61
CA CYS A 530 -2.72 22.99 -1.63
C CYS A 530 -2.30 21.63 -2.22
N GLU A 531 -3.29 20.77 -2.43
CA GLU A 531 -3.15 19.42 -2.88
C GLU A 531 -2.19 18.60 -2.04
N PHE A 532 -2.10 18.95 -0.75
CA PHE A 532 -1.20 18.31 0.26
C PHE A 532 0.19 18.28 -0.41
N SER A 533 0.76 19.49 -0.58
CA SER A 533 1.94 19.65 -1.43
C SER A 533 3.17 19.08 -0.78
N ALA A 534 3.11 18.81 0.54
CA ALA A 534 4.18 18.14 1.28
C ALA A 534 3.55 17.30 2.37
N PRO A 535 4.21 16.21 2.76
CA PRO A 535 3.60 15.31 3.71
C PRO A 535 3.86 15.76 5.16
N VAL A 536 3.10 16.76 5.56
CA VAL A 536 3.34 17.49 6.84
C VAL A 536 2.03 17.73 7.56
N LYS A 537 2.12 17.99 8.85
CA LYS A 537 0.99 18.50 9.63
C LYS A 537 0.98 19.98 9.52
N LEU A 538 -0.18 20.57 9.29
CA LEU A 538 -0.29 22.03 9.13
C LEU A 538 -0.90 22.59 10.36
N GLU A 539 -0.28 23.59 10.95
CA GLU A 539 -0.84 24.28 12.15
CA GLU A 539 -0.89 24.25 12.12
C GLU A 539 -1.15 25.71 11.75
N TYR A 540 -2.39 26.01 11.59
CA TYR A 540 -2.80 27.42 11.24
C TYR A 540 -4.08 27.64 11.99
N LYS A 541 -4.26 28.84 12.49
CA LYS A 541 -5.45 29.14 13.32
C LYS A 541 -6.64 29.60 12.47
N TRP A 542 -7.30 28.66 11.83
CA TRP A 542 -8.39 28.90 10.93
C TRP A 542 -9.60 29.43 11.72
N SER A 543 -10.37 30.38 11.21
CA SER A 543 -11.74 30.59 11.76
C SER A 543 -12.69 29.62 11.04
N ASP A 544 -13.82 29.32 11.67
CA ASP A 544 -14.78 28.43 10.99
C ASP A 544 -15.22 29.03 9.66
N GLN A 545 -15.38 30.37 9.62
CA GLN A 545 -15.87 31.04 8.41
C GLN A 545 -14.86 30.99 7.26
N GLN A 546 -13.59 31.08 7.56
CA GLN A 546 -12.55 30.87 6.53
C GLN A 546 -12.73 29.50 5.90
N LEU A 547 -13.02 28.48 6.71
CA LEU A 547 -13.05 27.12 6.23
C LEU A 547 -14.32 26.94 5.46
N THR A 548 -15.46 27.49 5.91
CA THR A 548 -16.69 27.31 5.10
C THR A 548 -16.61 28.12 3.79
N PHE A 549 -15.91 29.20 3.81
CA PHE A 549 -15.65 29.95 2.60
C PHE A 549 -14.86 29.10 1.59
N LEU A 550 -13.78 28.45 2.07
CA LEU A 550 -13.00 27.57 1.16
C LEU A 550 -13.89 26.46 0.66
N MET A 551 -14.77 25.92 1.48
CA MET A 551 -15.66 24.86 1.03
C MET A 551 -16.56 25.30 -0.14
N ARG A 552 -16.94 26.58 -0.14
CA ARG A 552 -17.84 27.17 -1.15
C ARG A 552 -17.07 27.68 -2.34
N HIS A 553 -15.82 28.08 -2.15
CA HIS A 553 -15.10 28.79 -3.21
C HIS A 553 -13.79 28.29 -3.73
N ALA A 554 -13.13 27.41 -3.01
CA ALA A 554 -11.80 27.03 -3.44
C ALA A 554 -11.80 26.44 -4.86
N ARG A 555 -10.79 26.81 -5.65
CA ARG A 555 -10.66 26.32 -7.03
C ARG A 555 -10.45 24.81 -7.17
N ASN A 556 -9.55 24.24 -6.38
CA ASN A 556 -9.25 22.82 -6.45
C ASN A 556 -10.19 22.07 -5.52
N ASP A 557 -10.78 21.03 -6.04
CA ASP A 557 -11.69 20.20 -5.30
C ASP A 557 -11.06 19.66 -4.03
N PHE A 558 -9.77 19.37 -4.08
CA PHE A 558 -9.13 18.84 -2.93
C PHE A 558 -9.20 19.84 -1.78
N SER A 559 -8.97 21.12 -2.07
CA SER A 559 -8.95 22.15 -1.04
C SER A 559 -10.29 22.30 -0.38
N ARG A 560 -11.36 22.07 -1.13
CA ARG A 560 -12.69 22.11 -0.54
CA ARG A 560 -12.70 22.10 -0.54
C ARG A 560 -12.89 20.97 0.47
N TRP A 561 -12.46 19.78 0.09
CA TRP A 561 -12.51 18.62 0.99
C TRP A 561 -11.63 18.89 2.23
N ASP A 562 -10.43 19.36 2.01
CA ASP A 562 -9.46 19.58 3.08
C ASP A 562 -9.93 20.63 4.10
N ALA A 563 -10.54 21.72 3.62
CA ALA A 563 -11.19 22.68 4.47
C ALA A 563 -12.29 22.05 5.34
N ALA A 564 -13.13 21.22 4.73
CA ALA A 564 -14.08 20.45 5.50
C ALA A 564 -13.47 19.59 6.56
N GLN A 565 -12.32 19.00 6.27
CA GLN A 565 -11.65 18.19 7.27
C GLN A 565 -11.14 19.03 8.45
N SER A 566 -10.59 20.18 8.16
CA SER A 566 -10.12 21.04 9.19
C SER A 566 -11.32 21.58 10.05
N LEU A 567 -12.46 21.85 9.43
CA LEU A 567 -13.65 22.30 10.16
C LEU A 567 -14.11 21.17 11.11
N LEU A 568 -14.15 19.94 10.60
CA LEU A 568 -14.56 18.85 11.41
C LEU A 568 -13.59 18.51 12.53
N ALA A 569 -12.28 18.65 12.29
CA ALA A 569 -11.27 18.26 13.24
C ALA A 569 -11.54 19.00 14.59
N THR A 570 -11.76 20.31 14.50
CA THR A 570 -12.07 21.09 15.72
C THR A 570 -13.18 20.49 16.59
N TYR A 571 -14.24 20.04 15.94
CA TYR A 571 -15.42 19.55 16.58
C TYR A 571 -15.33 18.11 16.98
N ILE A 572 -14.49 17.33 16.30
CA ILE A 572 -14.09 16.02 16.78
C ILE A 572 -13.34 16.10 18.07
N LYS A 573 -12.35 16.99 18.15
CA LYS A 573 -11.56 17.16 19.33
C LYS A 573 -12.45 17.64 20.49
N LEU A 574 -13.29 18.62 20.19
CA LEU A 574 -14.22 19.12 21.20
C LEU A 574 -15.00 17.97 21.80
N ASN A 575 -15.62 17.22 20.93
CA ASN A 575 -16.55 16.20 21.34
C ASN A 575 -15.92 14.99 21.96
N VAL A 576 -14.69 14.62 21.59
CA VAL A 576 -13.95 13.58 22.37
C VAL A 576 -13.71 14.00 23.83
N ALA A 577 -13.31 15.25 24.03
CA ALA A 577 -13.13 15.77 25.40
C ALA A 577 -14.46 15.77 26.16
N ARG A 578 -15.55 16.09 25.48
CA ARG A 578 -16.86 16.05 26.10
C ARG A 578 -17.24 14.64 26.48
N HIS A 579 -17.02 13.70 25.57
CA HIS A 579 -17.38 12.30 25.80
C HIS A 579 -16.66 11.82 27.07
N GLN A 580 -15.41 12.16 27.23
CA GLN A 580 -14.65 11.73 28.43
C GLN A 580 -15.23 12.31 29.73
N GLN A 581 -16.02 13.37 29.66
CA GLN A 581 -16.64 13.96 30.82
C GLN A 581 -18.10 13.59 30.91
N GLY A 582 -18.56 12.62 30.15
CA GLY A 582 -19.93 12.22 30.16
C GLY A 582 -20.93 13.22 29.50
N GLN A 583 -20.49 14.05 28.59
CA GLN A 583 -21.38 15.05 28.03
C GLN A 583 -21.72 14.69 26.59
N PRO A 584 -22.88 15.08 26.11
CA PRO A 584 -23.22 14.66 24.77
C PRO A 584 -22.66 15.58 23.69
N LEU A 585 -22.85 15.21 22.46
CA LEU A 585 -22.26 15.92 21.32
C LEU A 585 -22.80 17.36 21.25
N SER A 586 -21.93 18.31 20.96
CA SER A 586 -22.26 19.72 20.77
C SER A 586 -21.72 20.11 19.37
N LEU A 587 -22.51 20.81 18.57
CA LEU A 587 -22.06 21.15 17.19
C LEU A 587 -22.75 22.42 16.82
N PRO A 588 -22.00 23.44 16.45
CA PRO A 588 -22.72 24.66 16.06
C PRO A 588 -23.60 24.48 14.84
N VAL A 589 -24.69 25.20 14.83
CA VAL A 589 -25.62 25.15 13.72
C VAL A 589 -24.91 25.52 12.41
N HIS A 590 -24.02 26.51 12.41
CA HIS A 590 -23.32 26.87 11.15
C HIS A 590 -22.43 25.74 10.55
N VAL A 591 -22.01 24.79 11.38
CA VAL A 591 -21.26 23.61 10.88
C VAL A 591 -22.16 22.67 10.16
N ALA A 592 -23.26 22.29 10.78
CA ALA A 592 -24.27 21.50 10.10
C ALA A 592 -24.71 22.16 8.78
N ASP A 593 -24.91 23.47 8.77
CA ASP A 593 -25.31 24.21 7.60
C ASP A 593 -24.28 24.09 6.46
N ALA A 594 -23.00 24.05 6.80
CA ALA A 594 -21.98 23.92 5.77
C ALA A 594 -22.13 22.58 5.02
N PHE A 595 -22.43 21.50 5.73
CA PHE A 595 -22.58 20.19 5.09
C PHE A 595 -23.91 20.15 4.35
N ARG A 596 -24.96 20.77 4.90
CA ARG A 596 -26.21 20.91 4.13
C ARG A 596 -25.99 21.60 2.75
N ALA A 597 -25.22 22.69 2.75
CA ALA A 597 -24.92 23.40 1.54
C ALA A 597 -24.22 22.47 0.50
N VAL A 598 -23.32 21.59 0.96
CA VAL A 598 -22.65 20.64 0.08
C VAL A 598 -23.67 19.66 -0.53
N LEU A 599 -24.55 19.11 0.29
CA LEU A 599 -25.61 18.29 -0.20
C LEU A 599 -26.52 18.91 -1.21
N LEU A 600 -26.82 20.20 -1.08
CA LEU A 600 -27.72 20.80 -1.99
C LEU A 600 -27.04 21.55 -3.12
N ASP A 601 -25.72 21.58 -3.22
CA ASP A 601 -25.06 22.40 -4.24
C ASP A 601 -25.09 21.58 -5.53
N GLU A 602 -25.81 22.06 -6.53
CA GLU A 602 -25.95 21.36 -7.84
C GLU A 602 -24.67 21.39 -8.68
N LYS A 603 -23.82 22.34 -8.45
CA LYS A 603 -22.62 22.55 -9.19
C LYS A 603 -21.39 21.74 -8.68
N ILE A 604 -21.48 21.10 -7.55
CA ILE A 604 -20.35 20.39 -7.03
C ILE A 604 -20.32 19.01 -7.68
N ASP A 605 -19.18 18.57 -8.08
CA ASP A 605 -19.07 17.17 -8.58
C ASP A 605 -19.53 16.17 -7.50
N PRO A 606 -20.44 15.25 -7.85
CA PRO A 606 -20.86 14.28 -6.84
C PRO A 606 -19.72 13.44 -6.20
N ALA A 607 -18.61 13.24 -6.90
CA ALA A 607 -17.45 12.55 -6.36
C ALA A 607 -16.87 13.30 -5.18
N LEU A 608 -16.79 14.61 -5.33
CA LEU A 608 -16.34 15.49 -4.26
C LEU A 608 -17.33 15.56 -3.12
N ALA A 609 -18.58 15.78 -3.45
CA ALA A 609 -19.57 15.71 -2.41
C ALA A 609 -19.54 14.50 -1.58
N ALA A 610 -19.39 13.34 -2.22
CA ALA A 610 -19.39 12.10 -1.49
C ALA A 610 -18.23 12.01 -0.47
N GLU A 611 -17.06 12.50 -0.84
CA GLU A 611 -15.92 12.50 0.07
C GLU A 611 -16.08 13.46 1.26
N ILE A 612 -16.60 14.64 1.01
CA ILE A 612 -16.95 15.63 2.07
C ILE A 612 -17.97 15.02 3.06
N LEU A 613 -18.92 14.23 2.54
CA LEU A 613 -19.92 13.55 3.36
C LEU A 613 -19.51 12.17 3.86
N THR A 614 -18.25 11.81 3.71
CA THR A 614 -17.68 10.60 4.30
C THR A 614 -16.81 11.11 5.49
N LEU A 615 -17.27 10.83 6.72
CA LEU A 615 -16.55 11.27 7.91
C LEU A 615 -15.16 10.58 7.99
N PRO A 616 -14.17 11.27 8.50
CA PRO A 616 -12.87 10.65 8.78
C PRO A 616 -13.03 9.34 9.55
N SER A 617 -12.25 8.33 9.19
CA SER A 617 -12.28 7.07 9.85
C SER A 617 -11.73 7.25 11.29
N VAL A 618 -11.92 6.22 12.10
CA VAL A 618 -11.46 6.25 13.49
C VAL A 618 -9.94 6.35 13.50
N ASN A 619 -9.29 5.82 12.47
CA ASN A 619 -7.85 6.02 12.31
C ASN A 619 -7.41 7.37 11.98
N GLU A 620 -8.13 8.05 11.06
CA GLU A 620 -7.80 9.43 10.80
C GLU A 620 -8.11 10.31 12.03
N MET A 621 -9.19 9.97 12.77
CA MET A 621 -9.55 10.70 14.00
CA MET A 621 -9.52 10.73 13.98
C MET A 621 -8.46 10.61 15.05
N ALA A 622 -7.91 9.42 15.22
CA ALA A 622 -6.83 9.18 16.21
C ALA A 622 -5.62 10.04 16.01
N GLU A 623 -5.32 10.39 14.77
CA GLU A 623 -4.14 11.23 14.47
C GLU A 623 -4.29 12.68 15.01
N LEU A 624 -5.50 13.10 15.34
CA LEU A 624 -5.73 14.43 15.92
C LEU A 624 -5.28 14.53 17.38
N PHE A 625 -5.01 13.42 18.04
CA PHE A 625 -4.80 13.41 19.45
C PHE A 625 -3.39 12.96 19.80
N ASP A 626 -2.81 13.48 20.86
CA ASP A 626 -1.56 12.94 21.48
C ASP A 626 -1.81 11.62 22.20
N ILE A 627 -2.84 11.55 23.02
CA ILE A 627 -3.15 10.32 23.60
C ILE A 627 -4.47 9.88 23.04
N ILE A 628 -4.54 8.65 22.55
CA ILE A 628 -5.75 8.19 21.85
C ILE A 628 -6.69 7.57 22.85
N ASP A 629 -7.96 8.00 22.81
CA ASP A 629 -9.03 7.33 23.52
C ASP A 629 -9.94 6.67 22.46
N PRO A 630 -9.74 5.38 22.21
CA PRO A 630 -10.39 4.77 21.03
C PRO A 630 -11.91 4.59 21.24
N ILE A 631 -12.33 4.42 22.48
CA ILE A 631 -13.74 4.32 22.78
C ILE A 631 -14.44 5.63 22.53
N ALA A 632 -13.89 6.72 23.06
CA ALA A 632 -14.44 8.03 22.83
C ALA A 632 -14.48 8.36 21.34
N ILE A 633 -13.43 8.04 20.60
CA ILE A 633 -13.39 8.37 19.19
C ILE A 633 -14.52 7.61 18.49
N ALA A 634 -14.70 6.35 18.81
CA ALA A 634 -15.74 5.57 18.13
C ALA A 634 -17.14 6.05 18.45
N GLU A 635 -17.36 6.41 19.71
CA GLU A 635 -18.71 6.92 20.09
C GLU A 635 -19.00 8.28 19.54
N VAL A 636 -17.98 9.15 19.48
CA VAL A 636 -18.14 10.47 18.87
C VAL A 636 -18.44 10.35 17.40
N ARG A 637 -17.75 9.43 16.70
CA ARG A 637 -18.00 9.27 15.27
C ARG A 637 -19.42 8.87 15.03
N GLU A 638 -19.90 7.94 15.88
CA GLU A 638 -21.31 7.54 15.82
C GLU A 638 -22.29 8.72 16.12
N ALA A 639 -21.98 9.44 17.19
CA ALA A 639 -22.87 10.51 17.64
C ALA A 639 -22.90 11.58 16.58
N LEU A 640 -21.75 11.89 15.99
CA LEU A 640 -21.73 12.90 14.94
C LEU A 640 -22.53 12.48 13.71
N THR A 641 -22.42 11.20 13.37
CA THR A 641 -23.19 10.64 12.30
C THR A 641 -24.72 10.81 12.61
N ARG A 642 -25.14 10.44 13.80
CA ARG A 642 -26.53 10.58 14.24
C ARG A 642 -27.02 11.99 14.25
N THR A 643 -26.18 12.93 14.67
CA THR A 643 -26.55 14.35 14.65
C THR A 643 -26.77 14.89 13.25
N LEU A 644 -25.88 14.56 12.35
CA LEU A 644 -26.00 14.99 10.98
C LEU A 644 -27.18 14.28 10.35
N ALA A 645 -27.43 13.02 10.69
CA ALA A 645 -28.56 12.33 10.09
C ALA A 645 -29.88 13.00 10.47
N THR A 646 -30.01 13.42 11.73
CA THR A 646 -31.19 14.16 12.19
C THR A 646 -31.25 15.56 11.57
N GLU A 647 -30.18 16.34 11.57
CA GLU A 647 -30.24 17.65 11.07
C GLU A 647 -30.47 17.70 9.57
N LEU A 648 -29.96 16.74 8.81
CA LEU A 648 -29.98 16.84 7.36
C LEU A 648 -30.91 15.82 6.77
N ALA A 649 -31.82 15.30 7.57
CA ALA A 649 -32.63 14.13 7.14
C ALA A 649 -33.32 14.27 5.80
N ASP A 650 -33.98 15.40 5.59
CA ASP A 650 -34.82 15.52 4.38
C ASP A 650 -33.88 15.69 3.17
N GLU A 651 -32.80 16.42 3.35
CA GLU A 651 -31.86 16.63 2.27
C GLU A 651 -31.15 15.31 1.90
N LEU A 652 -30.76 14.55 2.92
CA LEU A 652 -30.15 13.25 2.71
C LEU A 652 -31.03 12.32 1.88
N LEU A 653 -32.32 12.19 2.23
CA LEU A 653 -33.21 11.36 1.48
C LEU A 653 -33.38 11.85 0.06
N ALA A 654 -33.47 13.15 -0.10
CA ALA A 654 -33.68 13.74 -1.41
C ALA A 654 -32.48 13.37 -2.32
N ILE A 655 -31.26 13.53 -1.81
CA ILE A 655 -30.07 13.23 -2.58
C ILE A 655 -29.91 11.72 -2.84
N TYR A 656 -30.24 10.90 -1.85
CA TYR A 656 -30.27 9.48 -1.97
C TYR A 656 -31.16 9.06 -3.16
N ASN A 657 -32.37 9.64 -3.19
CA ASN A 657 -33.28 9.30 -4.26
C ASN A 657 -32.86 9.83 -5.61
N ALA A 658 -32.36 11.06 -5.69
CA ALA A 658 -31.97 11.66 -6.96
C ALA A 658 -30.82 10.90 -7.64
N ASN A 659 -30.00 10.17 -6.87
CA ASN A 659 -28.85 9.49 -7.43
C ASN A 659 -29.05 8.02 -7.69
N TYR A 660 -30.28 7.56 -7.61
CA TYR A 660 -30.67 6.25 -8.01
C TYR A 660 -30.20 5.97 -9.46
N GLN A 661 -29.61 4.79 -9.71
CA GLN A 661 -29.24 4.39 -11.10
C GLN A 661 -29.76 2.99 -11.37
N SER A 662 -30.48 2.81 -12.45
CA SER A 662 -31.02 1.42 -12.71
C SER A 662 -29.96 0.51 -13.38
N GLU A 663 -29.20 1.05 -14.28
CA GLU A 663 -28.08 0.31 -14.89
C GLU A 663 -26.86 0.38 -13.96
N TYR A 664 -26.17 -0.73 -13.80
CA TYR A 664 -24.84 -0.73 -13.19
C TYR A 664 -23.71 -0.63 -14.23
N ARG A 665 -22.84 0.36 -14.06
CA ARG A 665 -21.67 0.51 -14.88
C ARG A 665 -20.43 0.85 -14.04
N VAL A 666 -19.29 0.29 -14.46
CA VAL A 666 -17.98 0.57 -13.92
C VAL A 666 -17.39 1.71 -14.70
N GLU A 667 -17.93 2.91 -14.48
CA GLU A 667 -17.56 4.09 -15.18
C GLU A 667 -17.52 5.19 -14.14
N HIS A 668 -16.61 6.14 -14.29
CA HIS A 668 -16.36 7.09 -13.23
C HIS A 668 -17.50 8.01 -12.85
N GLU A 669 -18.32 8.47 -13.78
CA GLU A 669 -19.51 9.29 -13.42
C GLU A 669 -20.49 8.47 -12.65
N ASP A 670 -20.72 7.21 -13.04
CA ASP A 670 -21.64 6.37 -12.36
C ASP A 670 -21.13 6.01 -10.97
N ILE A 671 -19.85 5.69 -10.86
CA ILE A 671 -19.26 5.41 -9.55
C ILE A 671 -19.42 6.57 -8.57
N ALA A 672 -19.24 7.78 -9.05
CA ALA A 672 -19.31 8.98 -8.23
C ALA A 672 -20.71 9.15 -7.71
N LYS A 673 -21.71 9.06 -8.61
CA LYS A 673 -23.10 9.11 -8.16
C LYS A 673 -23.48 8.07 -7.15
N ARG A 674 -23.00 6.85 -7.35
CA ARG A 674 -23.24 5.78 -6.43
C ARG A 674 -22.53 5.99 -5.07
N THR A 675 -21.32 6.54 -5.09
CA THR A 675 -20.56 6.82 -3.86
C THR A 675 -21.32 7.90 -3.06
N LEU A 676 -21.87 8.90 -3.75
CA LEU A 676 -22.73 9.90 -3.10
C LEU A 676 -24.00 9.30 -2.52
N ARG A 677 -24.66 8.47 -3.30
CA ARG A 677 -25.89 7.85 -2.86
C ARG A 677 -25.63 7.03 -1.62
N ASN A 678 -24.57 6.22 -1.62
CA ASN A 678 -24.29 5.39 -0.46
C ASN A 678 -23.77 6.12 0.77
N ALA A 679 -23.15 7.26 0.54
CA ALA A 679 -22.75 8.14 1.61
C ALA A 679 -24.01 8.71 2.29
N CYS A 680 -25.02 9.08 1.48
CA CYS A 680 -26.33 9.48 2.05
C CYS A 680 -26.97 8.35 2.84
N LEU A 681 -26.95 7.15 2.27
CA LEU A 681 -27.52 6.03 2.95
C LEU A 681 -26.90 5.77 4.31
N ARG A 682 -25.59 5.97 4.39
CA ARG A 682 -24.89 5.72 5.66
C ARG A 682 -25.51 6.62 6.79
N PHE A 683 -25.68 7.90 6.52
CA PHE A 683 -26.34 8.82 7.48
C PHE A 683 -27.79 8.41 7.76
N LEU A 684 -28.56 8.10 6.71
CA LEU A 684 -29.90 7.68 6.87
C LEU A 684 -30.07 6.48 7.73
N ALA A 685 -29.13 5.53 7.66
CA ALA A 685 -29.15 4.37 8.52
C ALA A 685 -29.07 4.68 10.00
N PHE A 686 -28.45 5.80 10.31
CA PHE A 686 -28.31 6.30 11.67
C PHE A 686 -29.39 7.32 12.06
N GLY A 687 -30.44 7.46 11.25
CA GLY A 687 -31.53 8.35 11.54
C GLY A 687 -32.64 7.61 12.26
N GLU A 688 -33.85 8.05 12.03
CA GLU A 688 -35.01 7.35 12.57
C GLU A 688 -35.02 5.86 12.18
N THR A 689 -35.21 4.98 13.16
CA THR A 689 -34.97 3.58 12.99
C THR A 689 -35.83 2.90 11.95
N HIS A 690 -37.11 3.24 11.92
CA HIS A 690 -38.02 2.53 11.03
C HIS A 690 -37.69 2.82 9.58
N LEU A 691 -37.54 4.08 9.22
CA LEU A 691 -37.19 4.45 7.89
C LEU A 691 -35.79 3.82 7.52
N ALA A 692 -34.84 3.85 8.46
CA ALA A 692 -33.50 3.30 8.24
C ALA A 692 -33.59 1.85 7.87
N ASP A 693 -34.34 1.09 8.68
CA ASP A 693 -34.49 -0.33 8.47
C ASP A 693 -35.10 -0.67 7.10
N VAL A 694 -36.11 0.11 6.71
CA VAL A 694 -36.80 -0.09 5.45
C VAL A 694 -35.86 0.21 4.27
N LEU A 695 -35.19 1.34 4.31
CA LEU A 695 -34.27 1.75 3.23
C LEU A 695 -33.13 0.74 3.06
N VAL A 696 -32.53 0.31 4.17
CA VAL A 696 -31.35 -0.51 4.12
C VAL A 696 -31.71 -1.91 3.62
N SER A 697 -32.77 -2.48 4.20
CA SER A 697 -33.23 -3.77 3.81
CA SER A 697 -33.22 -3.81 3.81
C SER A 697 -33.63 -3.84 2.33
N LYS A 698 -34.32 -2.83 1.88
CA LYS A 698 -34.72 -2.80 0.48
C LYS A 698 -33.53 -2.67 -0.46
N GLN A 699 -32.58 -1.80 -0.11
CA GLN A 699 -31.38 -1.65 -0.98
C GLN A 699 -30.65 -3.00 -1.03
N PHE A 700 -30.53 -3.70 0.09
CA PHE A 700 -29.81 -4.94 0.07
C PHE A 700 -30.48 -5.97 -0.84
N HIS A 701 -31.81 -6.07 -0.74
CA HIS A 701 -32.58 -7.04 -1.53
C HIS A 701 -32.76 -6.63 -2.97
N GLU A 702 -32.83 -5.35 -3.24
CA GLU A 702 -33.03 -4.94 -4.61
C GLU A 702 -31.77 -4.63 -5.38
N ALA A 703 -30.62 -4.56 -4.72
CA ALA A 703 -29.35 -4.20 -5.39
C ALA A 703 -29.10 -5.12 -6.56
N ASN A 704 -28.61 -4.56 -7.64
CA ASN A 704 -28.12 -5.37 -8.77
C ASN A 704 -26.59 -5.39 -8.90
N ASN A 705 -25.87 -5.20 -7.81
CA ASN A 705 -24.42 -5.13 -7.81
C ASN A 705 -23.98 -5.18 -6.35
N MET A 706 -22.75 -5.67 -6.13
CA MET A 706 -22.25 -5.85 -4.80
C MET A 706 -21.96 -4.50 -4.14
N THR A 707 -21.68 -3.44 -4.88
CA THR A 707 -21.39 -2.16 -4.22
C THR A 707 -22.63 -1.73 -3.39
N ASP A 708 -23.78 -1.77 -4.03
CA ASP A 708 -25.02 -1.38 -3.34
C ASP A 708 -25.46 -2.34 -2.26
N ALA A 709 -25.27 -3.64 -2.49
CA ALA A 709 -25.62 -4.63 -1.53
C ALA A 709 -24.74 -4.48 -0.29
N LEU A 710 -23.44 -4.32 -0.49
CA LEU A 710 -22.56 -4.21 0.66
C LEU A 710 -22.70 -2.91 1.43
N ALA A 711 -22.93 -1.79 0.76
CA ALA A 711 -23.17 -0.54 1.47
C ALA A 711 -24.37 -0.67 2.42
N ALA A 712 -25.41 -1.35 1.98
CA ALA A 712 -26.60 -1.62 2.81
C ALA A 712 -26.29 -2.53 3.99
N LEU A 713 -25.59 -3.63 3.72
CA LEU A 713 -25.26 -4.53 4.75
C LEU A 713 -24.36 -3.89 5.83
N SER A 714 -23.35 -3.16 5.37
CA SER A 714 -22.43 -2.52 6.21
C SER A 714 -23.19 -1.46 7.10
N ALA A 715 -24.13 -0.71 6.53
CA ALA A 715 -24.94 0.22 7.33
C ALA A 715 -25.83 -0.49 8.39
N ALA A 716 -26.37 -1.65 8.02
CA ALA A 716 -27.14 -2.47 8.96
C ALA A 716 -26.32 -2.91 10.16
N VAL A 717 -25.09 -3.31 9.92
CA VAL A 717 -24.19 -3.64 10.99
C VAL A 717 -23.79 -2.41 11.80
N ALA A 718 -23.39 -1.33 11.16
CA ALA A 718 -22.86 -0.16 11.85
C ALA A 718 -23.94 0.50 12.77
N ALA A 719 -25.19 0.53 12.28
CA ALA A 719 -26.26 1.15 13.04
C ALA A 719 -27.05 0.15 13.84
N GLN A 720 -26.66 -1.13 13.84
CA GLN A 720 -27.33 -2.17 14.58
C GLN A 720 -28.84 -2.18 14.28
N LEU A 721 -29.21 -2.12 13.01
CA LEU A 721 -30.61 -2.15 12.65
C LEU A 721 -31.25 -3.52 12.85
N PRO A 722 -32.58 -3.54 13.05
CA PRO A 722 -33.32 -4.79 13.24
C PRO A 722 -33.04 -5.86 12.21
N CYS A 723 -32.92 -5.45 10.93
CA CYS A 723 -32.73 -6.36 9.84
C CYS A 723 -31.33 -7.02 9.79
N ARG A 724 -30.37 -6.53 10.60
CA ARG A 724 -28.98 -6.93 10.52
C ARG A 724 -28.76 -8.41 10.53
N ASP A 725 -29.30 -9.14 11.49
CA ASP A 725 -28.97 -10.58 11.57
C ASP A 725 -29.49 -11.38 10.39
N ALA A 726 -30.67 -10.98 9.93
CA ALA A 726 -31.29 -11.69 8.80
C ALA A 726 -30.42 -11.44 7.54
N LEU A 727 -30.04 -10.16 7.31
CA LEU A 727 -29.24 -9.87 6.10
C LEU A 727 -27.84 -10.59 6.17
N MET A 728 -27.22 -10.60 7.33
CA MET A 728 -25.90 -11.19 7.52
C MET A 728 -26.01 -12.66 7.25
N GLN A 729 -27.12 -13.30 7.70
CA GLN A 729 -27.28 -14.72 7.44
C GLN A 729 -27.56 -15.02 5.94
N GLU A 730 -28.37 -14.19 5.30
CA GLU A 730 -28.60 -14.35 3.86
C GLU A 730 -27.29 -14.31 3.11
N TYR A 731 -26.41 -13.39 3.46
CA TYR A 731 -25.14 -13.27 2.76
C TYR A 731 -24.30 -14.49 2.97
N ASP A 732 -24.17 -14.95 4.20
CA ASP A 732 -23.43 -16.17 4.48
C ASP A 732 -24.00 -17.34 3.66
N ASP A 733 -25.32 -17.50 3.71
CA ASP A 733 -25.95 -18.65 2.99
C ASP A 733 -25.69 -18.57 1.49
N LYS A 734 -25.66 -17.38 0.94
CA LYS A 734 -25.45 -17.25 -0.49
C LYS A 734 -23.95 -17.42 -0.89
N TRP A 735 -23.03 -16.92 -0.05
CA TRP A 735 -21.67 -16.68 -0.49
C TRP A 735 -20.61 -17.44 0.19
N HIS A 736 -20.96 -18.34 1.11
CA HIS A 736 -19.93 -18.98 1.98
C HIS A 736 -18.87 -19.77 1.24
N GLN A 737 -19.19 -20.25 0.04
CA GLN A 737 -18.21 -20.97 -0.76
C GLN A 737 -17.19 -20.06 -1.44
N ASN A 738 -17.37 -18.74 -1.40
CA ASN A 738 -16.53 -17.81 -2.08
C ASN A 738 -15.73 -16.96 -1.09
N GLY A 739 -14.49 -17.30 -0.90
CA GLY A 739 -13.61 -16.70 0.13
C GLY A 739 -13.49 -15.21 -0.06
N LEU A 740 -13.32 -14.73 -1.30
CA LEU A 740 -13.13 -13.28 -1.47
C LEU A 740 -14.37 -12.52 -1.11
N VAL A 741 -15.53 -13.06 -1.46
CA VAL A 741 -16.79 -12.37 -1.10
C VAL A 741 -16.98 -12.49 0.42
N MET A 742 -16.60 -13.65 1.01
CA MET A 742 -16.78 -13.77 2.49
C MET A 742 -15.85 -12.85 3.29
N ASP A 743 -14.69 -12.50 2.73
CA ASP A 743 -13.81 -11.51 3.36
C ASP A 743 -14.55 -10.24 3.73
N LYS A 744 -15.41 -9.74 2.85
CA LYS A 744 -16.19 -8.53 3.16
C LYS A 744 -17.04 -8.69 4.42
N TRP A 745 -17.59 -9.87 4.54
CA TRP A 745 -18.50 -10.20 5.62
C TRP A 745 -17.74 -10.41 6.91
N PHE A 746 -16.59 -11.07 6.82
CA PHE A 746 -15.67 -11.12 8.00
C PHE A 746 -15.26 -9.74 8.46
N ILE A 747 -14.96 -8.82 7.56
CA ILE A 747 -14.63 -7.42 7.94
C ILE A 747 -15.78 -6.76 8.70
N LEU A 748 -17.00 -6.97 8.20
CA LEU A 748 -18.13 -6.40 8.89
C LEU A 748 -18.32 -7.01 10.29
N GLN A 749 -18.18 -8.33 10.40
CA GLN A 749 -18.26 -8.93 11.73
C GLN A 749 -17.19 -8.34 12.67
N ALA A 750 -15.95 -8.23 12.17
CA ALA A 750 -14.79 -7.79 12.99
C ALA A 750 -14.90 -6.34 13.41
N THR A 751 -15.56 -5.51 12.59
CA THR A 751 -15.66 -4.12 12.82
C THR A 751 -17.03 -3.74 13.39
N SER A 752 -17.83 -4.73 13.81
CA SER A 752 -19.16 -4.43 14.31
C SER A 752 -19.05 -3.60 15.64
N PRO A 753 -19.97 -2.66 15.86
CA PRO A 753 -20.01 -1.91 17.12
C PRO A 753 -20.70 -2.72 18.23
N ALA A 754 -21.18 -3.90 17.97
CA ALA A 754 -21.90 -4.66 18.98
C ALA A 754 -21.04 -5.00 20.22
N ALA A 755 -21.70 -5.06 21.38
CA ALA A 755 -20.97 -5.28 22.66
C ALA A 755 -20.30 -6.66 22.69
N ASN A 756 -20.84 -7.62 21.99
CA ASN A 756 -20.27 -8.97 22.06
C ASN A 756 -19.36 -9.29 20.82
N VAL A 757 -18.83 -8.26 20.19
CA VAL A 757 -18.02 -8.49 18.93
C VAL A 757 -16.86 -9.45 19.13
N LEU A 758 -16.11 -9.37 20.21
CA LEU A 758 -15.00 -10.29 20.36
C LEU A 758 -15.45 -11.77 20.47
N GLU A 759 -16.51 -12.00 21.19
CA GLU A 759 -17.07 -13.32 21.31
C GLU A 759 -17.46 -13.81 19.88
N THR A 760 -18.07 -12.95 19.08
CA THR A 760 -18.50 -13.36 17.74
C THR A 760 -17.27 -13.70 16.84
N VAL A 761 -16.28 -12.82 16.88
CA VAL A 761 -14.97 -13.01 16.17
C VAL A 761 -14.27 -14.34 16.55
N ARG A 762 -14.17 -14.64 17.84
CA ARG A 762 -13.59 -15.89 18.24
C ARG A 762 -14.36 -17.08 17.67
N GLY A 763 -15.67 -17.02 17.77
CA GLY A 763 -16.53 -18.01 17.18
C GLY A 763 -16.36 -18.19 15.66
N LEU A 764 -16.08 -17.08 14.94
CA LEU A 764 -15.83 -17.14 13.48
C LEU A 764 -14.50 -17.83 13.12
N LEU A 765 -13.59 -18.04 14.06
CA LEU A 765 -12.46 -18.89 13.81
C LEU A 765 -12.84 -20.29 13.40
N GLN A 766 -14.04 -20.72 13.74
CA GLN A 766 -14.56 -22.01 13.31
C GLN A 766 -15.52 -21.93 12.15
N HIS A 767 -15.69 -20.78 11.55
CA HIS A 767 -16.66 -20.66 10.46
C HIS A 767 -16.16 -21.44 9.27
N ARG A 768 -17.13 -21.99 8.51
CA ARG A 768 -16.86 -22.81 7.35
C ARG A 768 -16.02 -22.10 6.29
N SER A 769 -16.13 -20.79 6.19
CA SER A 769 -15.33 -20.02 5.24
C SER A 769 -14.02 -19.47 5.78
N PHE A 770 -13.72 -19.68 7.07
CA PHE A 770 -12.47 -19.19 7.65
C PHE A 770 -11.38 -20.26 7.66
N THR A 771 -10.14 -19.90 7.38
CA THR A 771 -9.03 -20.79 7.72
C THR A 771 -7.78 -20.01 8.08
N MET A 772 -7.09 -20.46 9.15
CA MET A 772 -5.83 -19.84 9.57
C MET A 772 -4.76 -20.01 8.51
N SER A 773 -4.95 -20.89 7.53
CA SER A 773 -3.87 -21.09 6.55
C SER A 773 -3.90 -20.04 5.40
N ASN A 774 -4.87 -19.12 5.38
CA ASN A 774 -5.08 -18.24 4.23
C ASN A 774 -4.92 -16.82 4.69
N PRO A 775 -3.90 -16.13 4.22
CA PRO A 775 -3.64 -14.79 4.66
C PRO A 775 -4.80 -13.83 4.44
N ASN A 776 -5.59 -13.98 3.34
CA ASN A 776 -6.70 -13.07 3.15
C ASN A 776 -7.76 -13.27 4.25
N ARG A 777 -8.05 -14.50 4.63
CA ARG A 777 -9.03 -14.71 5.69
C ARG A 777 -8.53 -14.15 7.03
N ILE A 778 -7.27 -14.39 7.34
CA ILE A 778 -6.67 -13.85 8.58
C ILE A 778 -6.82 -12.32 8.63
N ARG A 779 -6.48 -11.67 7.54
CA ARG A 779 -6.57 -10.22 7.45
C ARG A 779 -8.00 -9.70 7.63
N SER A 780 -8.92 -10.38 6.99
CA SER A 780 -10.30 -9.96 6.96
CA SER A 780 -10.30 -9.95 6.96
C SER A 780 -11.02 -10.17 8.30
N LEU A 781 -10.58 -11.15 9.12
CA LEU A 781 -11.21 -11.37 10.41
C LEU A 781 -10.41 -10.81 11.58
N ILE A 782 -9.18 -11.26 11.71
CA ILE A 782 -8.34 -10.99 12.83
C ILE A 782 -7.75 -9.60 12.62
N GLY A 783 -7.25 -9.33 11.45
CA GLY A 783 -6.62 -8.08 11.17
C GLY A 783 -7.57 -6.91 11.21
N ALA A 784 -8.76 -7.11 10.70
CA ALA A 784 -9.75 -6.04 10.73
C ALA A 784 -10.19 -5.76 12.21
N PHE A 785 -10.27 -6.81 13.02
CA PHE A 785 -10.60 -6.64 14.41
C PHE A 785 -9.56 -5.75 15.13
N ALA A 786 -8.30 -6.17 15.04
CA ALA A 786 -7.22 -5.50 15.75
C ALA A 786 -6.92 -4.09 15.23
N GLY A 787 -6.97 -3.93 13.93
CA GLY A 787 -6.63 -2.71 13.21
C GLY A 787 -7.73 -1.77 12.88
N SER A 788 -8.93 -2.28 12.63
CA SER A 788 -10.03 -1.44 12.27
C SER A 788 -11.12 -1.40 13.27
N ASN A 789 -11.02 -2.13 14.38
CA ASN A 789 -12.00 -1.92 15.47
C ASN A 789 -11.24 -1.55 16.76
N PRO A 790 -10.56 -0.41 16.74
CA PRO A 790 -9.74 -0.06 17.94
C PRO A 790 -10.57 0.04 19.21
N ALA A 791 -11.83 0.38 19.14
CA ALA A 791 -12.64 0.42 20.33
C ALA A 791 -12.78 -0.94 21.00
N ALA A 792 -12.93 -1.99 20.21
CA ALA A 792 -13.03 -3.34 20.77
C ALA A 792 -11.67 -3.93 21.04
N PHE A 793 -10.73 -3.67 20.16
CA PHE A 793 -9.40 -4.17 20.40
C PHE A 793 -8.90 -3.62 21.74
N HIS A 794 -9.22 -2.37 22.01
CA HIS A 794 -8.72 -1.69 23.21
C HIS A 794 -9.79 -1.68 24.34
N ALA A 795 -10.66 -2.68 24.34
CA ALA A 795 -11.60 -2.85 25.41
C ALA A 795 -10.81 -2.77 26.74
N GLU A 796 -11.40 -2.10 27.71
CA GLU A 796 -10.70 -1.86 29.00
C GLU A 796 -10.28 -3.12 29.79
N ASP A 797 -11.01 -4.22 29.64
CA ASP A 797 -10.61 -5.46 30.25
C ASP A 797 -9.41 -6.11 29.62
N GLY A 798 -8.86 -5.57 28.52
CA GLY A 798 -7.66 -6.21 27.94
C GLY A 798 -7.88 -7.49 27.11
N SER A 799 -9.13 -7.88 26.93
CA SER A 799 -9.47 -9.06 26.18
C SER A 799 -8.99 -9.02 24.72
N GLY A 800 -9.04 -7.84 24.05
CA GLY A 800 -8.59 -7.69 22.70
C GLY A 800 -7.11 -8.04 22.58
N TYR A 801 -6.35 -7.60 23.56
CA TYR A 801 -4.91 -7.89 23.48
C TYR A 801 -4.63 -9.38 23.66
N LEU A 802 -5.37 -10.01 24.56
CA LEU A 802 -5.13 -11.42 24.86
C LEU A 802 -5.48 -12.27 23.64
N PHE A 803 -6.55 -11.90 22.95
CA PHE A 803 -6.99 -12.60 21.72
C PHE A 803 -5.87 -12.49 20.65
N LEU A 804 -5.34 -11.28 20.47
CA LEU A 804 -4.27 -11.08 19.50
C LEU A 804 -3.01 -11.89 19.87
N VAL A 805 -2.64 -11.94 21.17
CA VAL A 805 -1.51 -12.78 21.58
C VAL A 805 -1.76 -14.24 21.17
N GLU A 806 -2.95 -14.74 21.40
CA GLU A 806 -3.18 -16.10 21.04
C GLU A 806 -3.07 -16.35 19.50
N MET A 807 -3.61 -15.43 18.68
CA MET A 807 -3.53 -15.61 17.27
C MET A 807 -2.04 -15.55 16.82
N LEU A 808 -1.31 -14.62 17.39
CA LEU A 808 0.11 -14.39 17.04
C LEU A 808 0.99 -15.56 17.47
N THR A 809 0.61 -16.21 18.57
CA THR A 809 1.33 -17.36 18.99
C THR A 809 1.27 -18.47 17.90
N ASP A 810 0.12 -18.63 17.24
CA ASP A 810 -0.03 -19.60 16.11
C ASP A 810 0.76 -19.07 14.93
N LEU A 811 0.53 -17.81 14.59
CA LEU A 811 1.10 -17.26 13.33
C LEU A 811 2.57 -17.07 13.35
N ASN A 812 3.16 -16.87 14.53
CA ASN A 812 4.62 -16.79 14.61
C ASN A 812 5.30 -17.99 14.05
N SER A 813 4.74 -19.16 14.23
CA SER A 813 5.30 -20.42 13.73
C SER A 813 4.81 -20.63 12.30
N ARG A 814 3.55 -20.34 12.03
CA ARG A 814 2.94 -20.70 10.70
C ARG A 814 3.39 -19.73 9.57
N ASN A 815 3.32 -18.42 9.82
CA ASN A 815 3.46 -17.45 8.76
C ASN A 815 3.90 -16.17 9.41
N PRO A 816 5.22 -16.01 9.56
CA PRO A 816 5.64 -14.87 10.31
C PRO A 816 5.41 -13.54 9.66
N GLN A 817 5.40 -13.49 8.33
CA GLN A 817 5.13 -12.21 7.65
C GLN A 817 3.73 -11.71 7.97
N VAL A 818 2.74 -12.60 7.96
CA VAL A 818 1.41 -12.25 8.34
C VAL A 818 1.29 -11.85 9.83
N ALA A 819 1.98 -12.58 10.68
CA ALA A 819 2.07 -12.28 12.11
C ALA A 819 2.58 -10.84 12.33
N SER A 820 3.61 -10.46 11.58
CA SER A 820 4.22 -9.20 11.78
C SER A 820 3.32 -8.06 11.30
N ARG A 821 2.53 -8.26 10.26
CA ARG A 821 1.53 -7.24 9.89
C ARG A 821 0.47 -7.07 10.99
N LEU A 822 0.05 -8.18 11.57
CA LEU A 822 -0.99 -8.24 12.55
C LEU A 822 -0.56 -7.71 13.89
N ILE A 823 0.73 -7.76 14.21
CA ILE A 823 1.19 -7.19 15.50
C ILE A 823 1.14 -5.68 15.56
N GLU A 824 0.97 -5.03 14.40
CA GLU A 824 1.17 -3.59 14.34
C GLU A 824 0.32 -2.81 15.41
N PRO A 825 -0.96 -3.16 15.59
CA PRO A 825 -1.77 -2.40 16.61
C PRO A 825 -1.26 -2.49 18.05
N LEU A 826 -0.49 -3.53 18.37
CA LEU A 826 0.06 -3.67 19.73
C LEU A 826 1.27 -2.88 19.90
N ILE A 827 2.02 -2.63 18.84
CA ILE A 827 3.23 -1.82 19.03
C ILE A 827 3.01 -0.31 19.12
N ARG A 828 1.79 0.12 18.98
CA ARG A 828 1.39 1.49 19.17
C ARG A 828 1.07 1.90 20.59
N LEU A 829 1.46 1.10 21.56
CA LEU A 829 1.05 1.26 22.96
C LEU A 829 1.31 2.62 23.60
N LYS A 830 2.35 3.31 23.17
CA LYS A 830 2.68 4.62 23.80
C LYS A 830 1.73 5.70 23.43
N ARG A 831 0.86 5.47 22.45
CA ARG A 831 -0.23 6.38 22.15
C ARG A 831 -1.44 6.29 23.08
N TYR A 832 -1.48 5.31 23.96
CA TYR A 832 -2.64 5.03 24.76
C TYR A 832 -2.36 5.39 26.24
N ASP A 833 -3.39 5.32 27.03
CA ASP A 833 -3.33 5.72 28.47
C ASP A 833 -2.54 4.65 29.23
N ALA A 834 -2.14 5.00 30.45
CA ALA A 834 -1.23 4.14 31.24
C ALA A 834 -1.73 2.75 31.53
N LYS A 835 -2.98 2.60 31.82
CA LYS A 835 -3.54 1.29 32.11
C LYS A 835 -3.58 0.37 30.88
N ARG A 836 -3.96 0.93 29.72
CA ARG A 836 -3.78 0.21 28.44
C ARG A 836 -2.34 -0.04 28.11
N GLN A 837 -1.43 0.93 28.25
CA GLN A 837 -0.04 0.59 28.01
C GLN A 837 0.46 -0.57 28.79
N GLU A 838 0.10 -0.57 30.06
CA GLU A 838 0.51 -1.66 30.91
C GLU A 838 0.09 -3.07 30.39
N LYS A 839 -1.16 -3.20 29.99
CA LYS A 839 -1.68 -4.45 29.43
C LYS A 839 -1.01 -4.80 28.07
N MET A 840 -0.75 -3.77 27.27
CA MET A 840 -0.21 -4.04 25.93
C MET A 840 1.27 -4.51 26.08
N ARG A 841 1.97 -3.91 27.06
CA ARG A 841 3.35 -4.25 27.36
C ARG A 841 3.42 -5.69 27.86
N ALA A 842 2.48 -6.09 28.70
CA ALA A 842 2.44 -7.46 29.21
C ALA A 842 2.18 -8.44 28.05
N ALA A 843 1.32 -8.05 27.12
CA ALA A 843 1.10 -8.87 25.89
C ALA A 843 2.35 -8.99 25.04
N LEU A 844 3.04 -7.88 24.83
CA LEU A 844 4.30 -7.92 24.11
C LEU A 844 5.35 -8.77 24.82
N GLU A 845 5.43 -8.66 26.13
CA GLU A 845 6.42 -9.46 26.91
C GLU A 845 6.11 -10.96 26.82
N GLN A 846 4.84 -11.33 26.78
CA GLN A 846 4.48 -12.71 26.54
C GLN A 846 4.93 -13.22 25.17
N LEU A 847 4.69 -12.41 24.15
CA LEU A 847 5.20 -12.73 22.81
C LEU A 847 6.75 -12.76 22.74
N LYS A 848 7.44 -11.83 23.40
CA LYS A 848 8.91 -11.85 23.40
C LYS A 848 9.42 -13.19 23.95
N GLY A 849 8.68 -13.83 24.82
CA GLY A 849 9.13 -15.14 25.38
C GLY A 849 8.75 -16.36 24.58
N LEU A 850 8.18 -16.24 23.36
CA LEU A 850 7.78 -17.40 22.59
C LEU A 850 9.04 -18.23 22.29
N GLU A 851 8.87 -19.54 22.33
CA GLU A 851 9.87 -20.44 21.77
C GLU A 851 9.90 -20.20 20.25
N ASN A 852 11.08 -20.17 19.71
CA ASN A 852 11.23 -19.95 18.28
C ASN A 852 10.53 -18.68 17.80
N LEU A 853 10.77 -17.57 18.47
CA LEU A 853 10.26 -16.29 18.09
C LEU A 853 10.88 -15.96 16.74
N SER A 854 10.07 -15.59 15.77
CA SER A 854 10.56 -15.25 14.46
C SER A 854 11.30 -13.92 14.53
N GLY A 855 12.27 -13.74 13.65
CA GLY A 855 12.96 -12.43 13.49
C GLY A 855 12.02 -11.30 13.13
N ASP A 856 10.99 -11.65 12.37
CA ASP A 856 9.96 -10.66 11.96
C ASP A 856 9.32 -10.00 13.19
N LEU A 857 8.81 -10.81 14.13
CA LEU A 857 8.25 -10.32 15.39
C LEU A 857 9.29 -9.76 16.37
N TYR A 858 10.46 -10.37 16.43
CA TYR A 858 11.49 -9.90 17.35
C TYR A 858 11.82 -8.42 17.12
N GLU A 859 11.99 -8.05 15.86
CA GLU A 859 12.32 -6.66 15.52
C GLU A 859 11.28 -5.69 16.04
N LYS A 860 10.00 -5.98 15.78
CA LYS A 860 8.91 -5.06 16.22
C LYS A 860 8.76 -5.04 17.76
N ILE A 861 8.78 -6.21 18.37
CA ILE A 861 8.63 -6.31 19.84
C ILE A 861 9.75 -5.60 20.62
N THR A 862 10.98 -5.79 20.18
CA THR A 862 12.09 -5.11 20.86
C THR A 862 12.01 -3.60 20.70
N LYS A 863 11.61 -3.09 19.55
CA LYS A 863 11.49 -1.67 19.43
C LYS A 863 10.33 -1.16 20.29
N ALA A 864 9.23 -1.90 20.32
CA ALA A 864 8.08 -1.48 21.09
C ALA A 864 8.33 -1.45 22.58
N LEU A 865 9.12 -2.40 23.09
CA LEU A 865 9.35 -2.53 24.55
C LEU A 865 10.50 -1.63 24.97
N ALA A 866 11.23 -1.02 24.06
CA ALA A 866 12.29 -0.03 24.42
C ALA A 866 11.74 1.22 25.12
ZN ZN B . 5.55 -2.30 -5.86
N GLU C . 7.23 -5.61 -4.95
N GLU C . 7.06 -5.93 -5.09
CA GLU C . 5.76 -5.96 -4.76
CA GLU C . 5.77 -6.20 -4.38
C GLU C . 4.93 -4.70 -5.01
C GLU C . 4.81 -5.00 -4.62
O GLU C . 4.18 -4.65 -5.92
O GLU C . 5.21 -4.01 -5.28
CB GLU C . 5.44 -6.50 -3.33
CB GLU C . 6.05 -6.46 -2.88
CG GLU C . 6.20 -7.80 -2.96
CG GLU C . 6.38 -7.94 -2.57
CD GLU C . 6.52 -7.95 -1.47
CD GLU C . 5.26 -8.84 -3.06
OE1 GLU C . 5.81 -7.42 -0.58
OE1 GLU C . 4.79 -8.57 -4.15
OE2 GLU C . 7.45 -8.68 -1.20
OE2 GLU C . 4.81 -9.79 -2.42
OXT GLU C . 4.99 -3.72 -4.31
OXT GLU C . 3.64 -4.98 -4.22
N GLU D . -20.07 3.55 11.26
CA GLU D . -20.74 4.79 11.43
C GLU D . -20.52 5.21 10.11
O GLU D . -19.66 4.70 9.47
CB GLU D . -20.19 5.68 12.54
CG GLU D . -19.88 4.97 13.91
CD GLU D . -18.39 4.68 14.12
OE1 GLU D . -17.90 4.81 12.96
OE2 GLU D . -17.76 4.41 15.34
OXT GLU D . -21.16 5.97 9.49
NA NA E . -3.13 36.51 11.21
NA NA F . -8.84 12.05 -14.34
NA NA G . -5.51 34.25 10.09
NA NA H . 20.95 -18.77 -18.49
NA NA I . 12.54 -14.20 7.03
NA NA J . -20.33 8.02 9.36
NA NA K . -7.27 19.48 6.88
NA NA L . 25.80 -10.40 -12.50
NA NA M . 22.63 19.93 -5.96
NA NA N . -13.06 -23.36 8.74
C1 GOL O . -22.25 -2.13 -18.82
O1 GOL O . -23.23 -1.33 -19.68
C2 GOL O . -20.79 -1.77 -18.59
O2 GOL O . -20.01 -1.60 -17.26
C3 GOL O . -20.57 -0.41 -19.26
O3 GOL O . -19.23 0.12 -19.15
C1 GOL P . -16.44 -0.49 -0.47
O1 GOL P . -17.55 -0.47 -1.38
C2 GOL P . -16.20 -1.94 -0.05
O2 GOL P . -15.46 -2.64 -1.04
C3 GOL P . -15.50 -2.08 1.30
O3 GOL P . -15.20 -0.77 1.83
C1 GOL Q . 32.08 -32.46 4.57
O1 GOL Q . 31.02 -32.28 5.49
C2 GOL Q . 32.70 -31.13 4.08
O2 GOL Q . 32.99 -31.18 2.68
C3 GOL Q . 31.78 -29.96 4.28
O3 GOL Q . 32.06 -29.37 5.54
C1 GOL R . -6.92 23.61 2.07
O1 GOL R . -5.79 22.85 1.46
C2 GOL R . -6.75 24.22 3.48
O2 GOL R . -5.55 25.00 3.42
C3 GOL R . -6.43 23.23 4.64
O3 GOL R . -7.56 22.84 5.41
C1 GOL S . -4.19 38.90 10.28
O1 GOL S . -4.77 38.25 9.10
C2 GOL S . -4.82 40.22 10.66
O2 GOL S . -4.20 41.05 9.73
C3 GOL S . -6.39 40.18 10.68
O3 GOL S . -6.92 39.01 11.34
C1 GOL T . -22.49 1.98 -21.67
O1 GOL T . -22.55 1.45 -20.34
C2 GOL T . -22.43 3.52 -21.83
O2 GOL T . -23.22 4.34 -20.95
C3 GOL T . -21.05 4.08 -21.56
O3 GOL T . -20.89 5.08 -22.55
C1 GOL U . 2.34 -3.42 1.25
O1 GOL U . 1.36 -4.35 0.80
C2 GOL U . 1.56 -2.22 1.79
O2 GOL U . 1.65 -2.00 3.22
C3 GOL U . 2.11 -1.02 1.12
O3 GOL U . 1.28 0.04 1.58
C1 MLI V . -27.72 -10.21 -2.25
C2 MLI V . -26.18 -10.34 -2.13
C3 MLI V . -28.05 -9.25 -3.40
O6 MLI V . -25.38 -10.55 -3.08
O7 MLI V . -25.70 -10.32 -1.00
O8 MLI V . -27.15 -9.13 -4.27
O9 MLI V . -29.15 -8.58 -3.48
C1 MLI W . -3.04 -10.22 2.62
C2 MLI W . -3.05 -8.87 1.88
C3 MLI W . -2.90 -9.84 4.10
O6 MLI W . -2.24 -7.94 2.06
O7 MLI W . -3.90 -8.59 1.05
O8 MLI W . -3.41 -8.77 4.44
O9 MLI W . -2.28 -10.49 4.98
#